data_5JP5
#
_entry.id   5JP5
#
_cell.length_a   66.088
_cell.length_b   68.124
_cell.length_c   95.346
_cell.angle_alpha   90.00
_cell.angle_beta   91.84
_cell.angle_gamma   90.00
#
_symmetry.space_group_name_H-M   'P 1 21 1'
#
loop_
_entity.id
_entity.type
_entity.pdbx_description
1 polymer Galectin-5
2 non-polymer DI(HYDROXYETHYL)ETHER
3 water water
#
_entity_poly.entity_id   1
_entity_poly.type   'polypeptide(L)'
_entity_poly.pdbx_seq_one_letter_code
;MSSFSTQTPYPNLAVPFFTSIPNGLYPSKSIVISGVVLSDAKRFQINLRCGGDIAFHLNPRFDENAVVRNTQINNSWGPE
ERSLPGSMPFSRGQRFSVWILCEGHCFKVAVDGQHICEYSHRLMNLPDINTLEVAGDIQLTHVET
;
_entity_poly.pdbx_strand_id   A,B,C,D,E,F
#
# COMPACT_ATOMS: atom_id res chain seq x y z
N ASN A 12 -41.47 13.46 6.86
CA ASN A 12 -42.15 12.27 7.34
C ASN A 12 -42.72 11.46 6.18
N LEU A 13 -42.37 10.18 6.12
CA LEU A 13 -42.87 9.30 5.06
C LEU A 13 -43.81 8.22 5.60
N ALA A 14 -44.39 8.43 6.78
CA ALA A 14 -45.47 7.53 7.21
C ALA A 14 -46.61 7.55 6.21
N VAL A 15 -47.29 6.41 6.08
CA VAL A 15 -48.49 6.32 5.25
C VAL A 15 -49.72 6.19 6.14
N PRO A 16 -50.86 6.74 5.70
CA PRO A 16 -51.02 7.40 4.40
C PRO A 16 -50.24 8.70 4.30
N PHE A 17 -49.61 8.90 3.15
CA PHE A 17 -48.73 10.03 2.88
C PHE A 17 -49.41 10.95 1.88
N PHE A 18 -49.38 12.26 2.14
CA PHE A 18 -49.95 13.25 1.25
C PHE A 18 -48.93 14.34 0.97
N THR A 19 -48.86 14.81 -0.28
CA THR A 19 -48.07 16.00 -0.53
C THR A 19 -48.57 16.68 -1.80
N SER A 20 -48.17 17.94 -1.95
CA SER A 20 -48.61 18.71 -3.11
CA SER A 20 -48.60 18.72 -3.10
C SER A 20 -47.80 18.34 -4.35
N ILE A 21 -48.44 18.50 -5.50
CA ILE A 21 -47.78 18.44 -6.80
C ILE A 21 -47.67 19.88 -7.26
N PRO A 22 -46.51 20.53 -7.12
CA PRO A 22 -46.43 21.96 -7.44
C PRO A 22 -46.84 22.24 -8.88
N ASN A 23 -47.75 23.20 -9.04
CA ASN A 23 -48.35 23.61 -10.30
C ASN A 23 -49.30 22.57 -10.86
N GLY A 24 -49.61 21.50 -10.12
CA GLY A 24 -50.44 20.45 -10.67
C GLY A 24 -49.76 19.68 -11.78
N LEU A 25 -50.57 18.91 -12.50
CA LEU A 25 -50.08 18.11 -13.61
C LEU A 25 -50.06 18.94 -14.90
N TYR A 26 -49.14 18.57 -15.78
CA TYR A 26 -49.10 19.06 -17.14
C TYR A 26 -48.32 18.04 -17.97
N PRO A 27 -48.42 18.09 -19.29
CA PRO A 27 -47.65 17.14 -20.10
C PRO A 27 -46.15 17.33 -19.88
N SER A 28 -45.47 16.22 -19.63
CA SER A 28 -44.04 16.08 -19.34
C SER A 28 -43.73 16.06 -17.84
N LYS A 29 -44.73 16.31 -16.98
CA LYS A 29 -44.52 16.21 -15.54
C LYS A 29 -44.36 14.76 -15.10
N SER A 30 -43.37 14.50 -14.25
CA SER A 30 -43.07 13.17 -13.73
C SER A 30 -43.35 13.11 -12.23
N ILE A 31 -43.89 11.99 -11.79
CA ILE A 31 -44.02 11.65 -10.38
C ILE A 31 -43.31 10.31 -10.17
N VAL A 32 -42.48 10.22 -9.13
CA VAL A 32 -41.74 8.99 -8.84
C VAL A 32 -42.01 8.61 -7.39
N ILE A 33 -42.47 7.38 -7.17
CA ILE A 33 -42.75 6.87 -5.84
CA ILE A 33 -42.75 6.87 -5.84
C ILE A 33 -41.86 5.66 -5.61
N SER A 34 -41.03 5.72 -4.57
CA SER A 34 -40.12 4.63 -4.25
C SER A 34 -40.45 4.07 -2.87
N GLY A 35 -40.32 2.76 -2.70
CA GLY A 35 -40.55 2.18 -1.40
C GLY A 35 -40.35 0.68 -1.44
N VAL A 36 -40.89 0.00 -0.43
CA VAL A 36 -40.78 -1.45 -0.32
CA VAL A 36 -40.77 -1.46 -0.29
C VAL A 36 -42.13 -2.01 0.06
N VAL A 37 -42.57 -3.07 -0.64
CA VAL A 37 -43.82 -3.71 -0.30
C VAL A 37 -43.64 -4.51 0.98
N LEU A 38 -44.58 -4.37 1.91
CA LEU A 38 -44.53 -5.15 3.14
C LEU A 38 -44.64 -6.64 2.85
N SER A 39 -44.01 -7.45 3.70
CA SER A 39 -43.99 -8.89 3.48
CA SER A 39 -43.99 -8.89 3.49
C SER A 39 -45.37 -9.51 3.62
N ASP A 40 -46.30 -8.86 4.33
CA ASP A 40 -47.65 -9.36 4.50
C ASP A 40 -48.69 -8.49 3.81
N ALA A 41 -48.26 -7.77 2.77
CA ALA A 41 -49.09 -6.79 2.10
C ALA A 41 -50.31 -7.43 1.44
N LYS A 42 -51.44 -6.73 1.51
CA LYS A 42 -52.60 -7.04 0.67
C LYS A 42 -52.67 -6.15 -0.55
N ARG A 43 -52.37 -4.86 -0.39
CA ARG A 43 -52.56 -3.88 -1.47
C ARG A 43 -51.90 -2.58 -1.05
N PHE A 44 -51.63 -1.73 -2.04
CA PHE A 44 -51.34 -0.32 -1.75
C PHE A 44 -51.85 0.52 -2.91
N GLN A 45 -51.89 1.83 -2.70
CA GLN A 45 -52.45 2.69 -3.73
C GLN A 45 -51.66 3.97 -3.81
N ILE A 46 -51.55 4.47 -5.04
CA ILE A 46 -51.03 5.79 -5.36
C ILE A 46 -52.16 6.54 -6.03
N ASN A 47 -52.58 7.66 -5.46
CA ASN A 47 -53.68 8.46 -6.00
C ASN A 47 -53.19 9.84 -6.41
N LEU A 48 -53.57 10.27 -7.60
CA LEU A 48 -53.40 11.65 -8.03
C LEU A 48 -54.78 12.28 -7.93
N ARG A 49 -54.93 13.21 -6.99
CA ARG A 49 -56.24 13.71 -6.60
C ARG A 49 -56.46 15.13 -7.11
N CYS A 50 -57.72 15.43 -7.39
CA CYS A 50 -58.13 16.78 -7.75
CA CYS A 50 -58.15 16.77 -7.78
C CYS A 50 -59.46 17.04 -7.05
N GLY A 51 -59.41 17.91 -6.06
CA GLY A 51 -60.62 18.22 -5.29
C GLY A 51 -61.22 16.97 -4.66
N GLY A 52 -62.48 16.70 -5.00
CA GLY A 52 -63.16 15.52 -4.50
C GLY A 52 -63.05 14.32 -5.42
N ASP A 53 -62.26 14.39 -6.47
CA ASP A 53 -62.12 13.32 -7.44
C ASP A 53 -60.74 12.70 -7.34
N ILE A 54 -60.63 11.45 -7.80
CA ILE A 54 -59.33 10.81 -7.96
C ILE A 54 -59.08 10.67 -9.45
N ALA A 55 -58.21 11.51 -10.00
CA ALA A 55 -57.93 11.46 -11.44
C ALA A 55 -57.30 10.13 -11.82
N PHE A 56 -56.38 9.64 -11.00
CA PHE A 56 -55.64 8.41 -11.31
C PHE A 56 -55.40 7.64 -10.03
N HIS A 57 -55.89 6.41 -10.00
CA HIS A 57 -55.79 5.49 -8.87
C HIS A 57 -54.96 4.34 -9.42
N LEU A 58 -53.75 4.18 -8.90
CA LEU A 58 -52.84 3.11 -9.29
C LEU A 58 -52.69 2.18 -8.10
N ASN A 59 -53.11 0.92 -8.24
CA ASN A 59 -53.52 0.13 -7.09
C ASN A 59 -53.05 -1.32 -7.23
N PRO A 60 -51.78 -1.60 -6.88
CA PRO A 60 -51.33 -3.00 -6.85
C PRO A 60 -52.06 -3.78 -5.77
N ARG A 61 -52.56 -4.96 -6.13
CA ARG A 61 -53.32 -5.82 -5.21
C ARG A 61 -52.65 -7.17 -5.21
N PHE A 62 -52.04 -7.53 -4.09
CA PHE A 62 -51.23 -8.73 -4.03
C PHE A 62 -52.08 -9.98 -3.88
N ASP A 63 -53.22 -9.88 -3.23
CA ASP A 63 -54.14 -11.02 -3.19
C ASP A 63 -54.72 -11.31 -4.56
N GLU A 64 -55.10 -10.27 -5.31
CA GLU A 64 -55.63 -10.46 -6.66
C GLU A 64 -54.56 -10.71 -7.70
N ASN A 65 -53.29 -10.44 -7.38
CA ASN A 65 -52.20 -10.45 -8.35
C ASN A 65 -52.51 -9.55 -9.54
N ALA A 66 -52.85 -8.30 -9.24
CA ALA A 66 -53.30 -7.37 -10.27
C ALA A 66 -52.75 -5.98 -9.94
N VAL A 67 -52.66 -5.15 -10.98
CA VAL A 67 -52.40 -3.71 -10.83
C VAL A 67 -53.62 -3.00 -11.39
N VAL A 68 -54.48 -2.52 -10.52
CA VAL A 68 -55.72 -1.87 -10.92
C VAL A 68 -55.44 -0.40 -11.19
N ARG A 69 -55.98 0.11 -12.31
CA ARG A 69 -56.02 1.55 -12.54
C ARG A 69 -57.47 1.98 -12.67
N ASN A 70 -57.80 3.14 -12.10
CA ASN A 70 -59.19 3.60 -12.19
C ASN A 70 -59.22 5.09 -11.89
N THR A 71 -60.42 5.66 -12.02
CA THR A 71 -60.69 7.07 -11.75
C THR A 71 -61.96 7.13 -10.90
N GLN A 72 -61.97 8.01 -9.90
CA GLN A 72 -63.15 8.22 -9.08
C GLN A 72 -63.65 9.64 -9.29
N ILE A 73 -64.94 9.78 -9.63
CA ILE A 73 -65.54 11.08 -9.86
C ILE A 73 -66.79 11.18 -8.99
N ASN A 74 -66.86 12.23 -8.17
CA ASN A 74 -68.01 12.43 -7.29
C ASN A 74 -68.37 11.14 -6.56
N ASN A 75 -67.35 10.48 -6.03
CA ASN A 75 -67.42 9.30 -5.18
C ASN A 75 -67.80 8.03 -5.93
N SER A 76 -67.82 8.04 -7.26
CA SER A 76 -68.16 6.87 -8.05
CA SER A 76 -68.17 6.88 -8.06
C SER A 76 -66.95 6.41 -8.84
N TRP A 77 -66.63 5.12 -8.72
CA TRP A 77 -65.53 4.53 -9.47
C TRP A 77 -65.95 4.21 -10.90
N GLY A 78 -65.04 4.37 -11.83
CA GLY A 78 -65.28 4.00 -13.20
C GLY A 78 -64.93 2.54 -13.45
N PRO A 79 -64.82 2.16 -14.72
CA PRO A 79 -64.39 0.79 -15.04
C PRO A 79 -62.90 0.61 -14.81
N GLU A 80 -62.53 -0.52 -14.21
CA GLU A 80 -61.11 -0.75 -13.92
C GLU A 80 -60.34 -1.14 -15.18
N GLU A 81 -59.07 -0.73 -15.23
CA GLU A 81 -58.12 -1.21 -16.22
C GLU A 81 -57.07 -2.06 -15.53
N ARG A 82 -56.84 -3.28 -16.04
CA ARG A 82 -55.98 -4.25 -15.38
C ARG A 82 -54.93 -4.89 -16.29
N SER A 83 -54.86 -4.50 -17.57
CA SER A 83 -53.93 -5.13 -18.49
C SER A 83 -52.49 -4.98 -18.03
N LEU A 84 -51.69 -6.02 -18.23
CA LEU A 84 -50.27 -6.01 -17.96
C LEU A 84 -49.55 -6.72 -19.09
N PRO A 85 -48.35 -6.24 -19.47
CA PRO A 85 -47.62 -6.92 -20.55
C PRO A 85 -46.98 -8.22 -20.11
N GLY A 86 -46.72 -8.40 -18.82
CA GLY A 86 -46.11 -9.62 -18.31
C GLY A 86 -46.63 -9.95 -16.95
N SER A 87 -45.76 -10.44 -16.08
CA SER A 87 -46.19 -10.84 -14.76
C SER A 87 -46.38 -9.62 -13.86
N MET A 88 -47.06 -9.84 -12.74
CA MET A 88 -47.24 -8.85 -11.69
C MET A 88 -45.89 -8.17 -11.39
N PRO A 89 -45.78 -6.85 -11.56
CA PRO A 89 -44.47 -6.20 -11.41
C PRO A 89 -44.11 -5.74 -10.00
N PHE A 90 -44.96 -5.99 -9.02
CA PHE A 90 -44.65 -5.77 -7.61
C PHE A 90 -44.70 -7.11 -6.89
N SER A 91 -43.88 -7.25 -5.86
CA SER A 91 -43.85 -8.46 -5.06
C SER A 91 -43.75 -8.10 -3.59
N ARG A 92 -44.38 -8.91 -2.75
CA ARG A 92 -44.29 -8.68 -1.31
C ARG A 92 -42.83 -8.72 -0.87
N GLY A 93 -42.46 -7.78 0.00
CA GLY A 93 -41.11 -7.68 0.49
C GLY A 93 -40.10 -7.07 -0.45
N GLN A 94 -40.50 -6.72 -1.67
CA GLN A 94 -39.57 -6.29 -2.71
C GLN A 94 -39.60 -4.77 -2.87
N ARG A 95 -38.43 -4.18 -3.08
CA ARG A 95 -38.37 -2.75 -3.34
C ARG A 95 -38.95 -2.42 -4.71
N PHE A 96 -39.44 -1.20 -4.87
CA PHE A 96 -40.03 -0.80 -6.13
C PHE A 96 -39.77 0.68 -6.39
N SER A 97 -39.81 1.05 -7.68
CA SER A 97 -39.82 2.45 -8.08
C SER A 97 -40.88 2.62 -9.15
N VAL A 98 -41.87 3.47 -8.86
CA VAL A 98 -42.95 3.76 -9.80
C VAL A 98 -42.69 5.11 -10.44
N TRP A 99 -42.66 5.15 -11.76
CA TRP A 99 -42.51 6.39 -12.50
C TRP A 99 -43.79 6.66 -13.27
N ILE A 100 -44.48 7.73 -12.92
CA ILE A 100 -45.70 8.14 -13.61
C ILE A 100 -45.34 9.36 -14.44
N LEU A 101 -45.53 9.26 -15.75
CA LEU A 101 -45.25 10.38 -16.65
C LEU A 101 -46.57 10.87 -17.23
N CYS A 102 -46.85 12.16 -17.06
CA CYS A 102 -48.07 12.73 -17.59
C CYS A 102 -47.82 13.17 -19.03
N GLU A 103 -48.68 12.71 -19.95
CA GLU A 103 -48.69 13.22 -21.32
C GLU A 103 -50.00 13.96 -21.56
N GLY A 104 -50.15 14.51 -22.76
CA GLY A 104 -51.36 15.27 -23.04
C GLY A 104 -52.61 14.42 -23.02
N HIS A 105 -52.52 13.16 -23.39
CA HIS A 105 -53.68 12.28 -23.50
C HIS A 105 -53.72 11.15 -22.48
N CYS A 106 -52.63 10.92 -21.74
CA CYS A 106 -52.58 9.75 -20.88
C CYS A 106 -51.46 9.88 -19.85
N PHE A 107 -51.50 8.97 -18.88
CA PHE A 107 -50.37 8.66 -18.02
C PHE A 107 -49.63 7.46 -18.58
N LYS A 108 -48.31 7.54 -18.58
CA LYS A 108 -47.45 6.39 -18.86
C LYS A 108 -46.82 5.94 -17.54
N VAL A 109 -46.88 4.64 -17.24
CA VAL A 109 -46.47 4.12 -15.94
C VAL A 109 -45.39 3.06 -16.14
N ALA A 110 -44.26 3.23 -15.46
CA ALA A 110 -43.21 2.22 -15.46
C ALA A 110 -42.91 1.82 -14.03
N VAL A 111 -42.58 0.55 -13.84
CA VAL A 111 -42.23 0.01 -12.53
C VAL A 111 -40.84 -0.60 -12.67
N ASP A 112 -39.89 -0.10 -11.86
CA ASP A 112 -38.51 -0.57 -11.93
C ASP A 112 -37.95 -0.47 -13.34
N GLY A 113 -38.34 0.59 -14.05
CA GLY A 113 -37.91 0.80 -15.41
C GLY A 113 -38.72 0.07 -16.49
N GLN A 114 -39.61 -0.84 -16.11
CA GLN A 114 -40.41 -1.60 -17.06
C GLN A 114 -41.74 -0.87 -17.31
N HIS A 115 -42.00 -0.52 -18.56
CA HIS A 115 -43.30 0.05 -18.88
C HIS A 115 -44.39 -0.97 -18.59
N ILE A 116 -45.38 -0.58 -17.79
CA ILE A 116 -46.47 -1.49 -17.48
C ILE A 116 -47.80 -1.05 -18.05
N CYS A 117 -48.02 0.24 -18.28
CA CYS A 117 -49.32 0.60 -18.83
C CYS A 117 -49.33 2.06 -19.25
N GLU A 118 -50.27 2.36 -20.15
CA GLU A 118 -50.77 3.71 -20.38
C GLU A 118 -52.20 3.76 -19.89
N TYR A 119 -52.60 4.92 -19.38
CA TYR A 119 -53.95 5.11 -18.85
C TYR A 119 -54.47 6.44 -19.38
N SER A 120 -55.47 6.37 -20.26
CA SER A 120 -55.96 7.58 -20.88
C SER A 120 -56.62 8.47 -19.85
N HIS A 121 -56.35 9.77 -19.94
CA HIS A 121 -56.98 10.69 -19.01
C HIS A 121 -58.50 10.58 -19.09
N ARG A 122 -59.13 10.54 -17.93
CA ARG A 122 -60.57 10.68 -17.84
C ARG A 122 -60.96 12.03 -17.28
N LEU A 123 -60.10 12.64 -16.47
CA LEU A 123 -60.22 14.02 -16.04
C LEU A 123 -59.10 14.81 -16.70
N MET A 124 -59.46 15.87 -17.41
CA MET A 124 -58.50 16.61 -18.20
C MET A 124 -58.11 17.94 -17.57
N ASN A 125 -58.62 18.23 -16.38
CA ASN A 125 -58.29 19.45 -15.63
C ASN A 125 -56.94 19.29 -14.91
N LEU A 126 -55.90 19.10 -15.72
CA LEU A 126 -54.60 18.68 -15.23
C LEU A 126 -54.03 19.58 -14.14
N PRO A 127 -54.07 20.91 -14.25
CA PRO A 127 -53.49 21.76 -13.19
C PRO A 127 -54.15 21.56 -11.84
N ASP A 128 -55.42 21.17 -11.81
CA ASP A 128 -56.13 20.91 -10.56
C ASP A 128 -55.75 19.59 -9.93
N ILE A 129 -55.09 18.71 -10.67
CA ILE A 129 -54.63 17.44 -10.10
C ILE A 129 -53.34 17.78 -9.37
N ASN A 130 -53.46 18.16 -8.09
CA ASN A 130 -52.35 18.80 -7.41
C ASN A 130 -52.04 18.14 -6.07
N THR A 131 -52.63 16.99 -5.78
CA THR A 131 -52.32 16.27 -4.54
C THR A 131 -51.94 14.84 -4.85
N LEU A 132 -50.84 14.39 -4.28
CA LEU A 132 -50.40 13.00 -4.34
C LEU A 132 -50.72 12.32 -3.01
N GLU A 133 -51.35 11.15 -3.08
CA GLU A 133 -51.55 10.32 -1.90
C GLU A 133 -50.89 8.97 -2.14
N VAL A 134 -50.15 8.48 -1.13
CA VAL A 134 -49.65 7.12 -1.14
C VAL A 134 -50.11 6.44 0.14
N ALA A 135 -50.77 5.29 0.01
CA ALA A 135 -51.34 4.64 1.18
C ALA A 135 -51.26 3.13 1.01
N GLY A 136 -51.31 2.42 2.12
CA GLY A 136 -51.42 0.98 2.07
C GLY A 136 -50.20 0.28 2.62
N ASP A 137 -50.01 -0.95 2.14
CA ASP A 137 -49.10 -1.91 2.77
C ASP A 137 -47.69 -1.82 2.17
N ILE A 138 -47.08 -0.66 2.36
CA ILE A 138 -45.71 -0.41 1.92
C ILE A 138 -44.97 0.36 3.00
N GLN A 139 -43.66 0.33 2.88
CA GLN A 139 -42.80 1.32 3.50
C GLN A 139 -42.40 2.29 2.42
N LEU A 140 -42.72 3.55 2.60
CA LEU A 140 -42.43 4.58 1.62
C LEU A 140 -41.03 5.12 1.88
N THR A 141 -40.20 5.17 0.84
CA THR A 141 -38.84 5.64 1.02
C THR A 141 -38.51 6.93 0.28
N HIS A 142 -39.21 7.27 -0.80
CA HIS A 142 -38.89 8.51 -1.48
C HIS A 142 -40.05 8.90 -2.38
N VAL A 143 -40.29 10.21 -2.47
CA VAL A 143 -41.31 10.74 -3.37
C VAL A 143 -40.70 11.91 -4.14
N GLU A 144 -41.02 11.98 -5.43
CA GLU A 144 -40.68 13.13 -6.25
CA GLU A 144 -40.67 13.12 -6.27
C GLU A 144 -41.94 13.59 -6.96
N THR A 145 -42.30 14.86 -6.77
CA THR A 145 -43.50 15.38 -7.44
C THR A 145 -43.25 16.72 -8.11
N ASN B 12 -4.84 3.34 21.62
CA ASN B 12 -6.09 3.78 21.03
C ASN B 12 -6.59 2.81 19.96
N LEU B 13 -5.80 1.79 19.65
CA LEU B 13 -6.17 0.83 18.63
C LEU B 13 -6.98 -0.35 19.16
N ALA B 14 -7.53 -0.23 20.37
CA ALA B 14 -8.38 -1.29 20.88
C ALA B 14 -9.65 -1.40 20.05
N VAL B 15 -10.14 -2.62 19.89
CA VAL B 15 -11.41 -2.83 19.20
C VAL B 15 -12.49 -3.00 20.25
N PRO B 16 -13.72 -2.54 19.95
CA PRO B 16 -14.09 -1.93 18.66
C PRO B 16 -13.46 -0.56 18.46
N PHE B 17 -13.03 -0.28 17.24
CA PHE B 17 -12.20 0.88 16.93
C PHE B 17 -12.92 1.76 15.92
N PHE B 18 -12.94 3.07 16.18
CA PHE B 18 -13.56 4.02 15.27
C PHE B 18 -12.57 5.15 14.97
N THR B 19 -12.54 5.61 13.72
CA THR B 19 -11.75 6.80 13.46
C THR B 19 -12.29 7.48 12.21
N SER B 20 -11.93 8.74 12.05
CA SER B 20 -12.42 9.49 10.90
C SER B 20 -11.61 9.14 9.65
N ILE B 21 -12.26 9.31 8.51
CA ILE B 21 -11.63 9.28 7.19
C ILE B 21 -11.61 10.73 6.71
N PRO B 22 -10.51 11.45 6.86
CA PRO B 22 -10.50 12.87 6.52
C PRO B 22 -10.96 13.09 5.09
N ASN B 23 -11.89 14.04 4.92
CA ASN B 23 -12.46 14.43 3.63
C ASN B 23 -13.38 13.35 3.06
N GLY B 24 -13.62 12.28 3.79
CA GLY B 24 -14.43 11.19 3.26
C GLY B 24 -13.71 10.42 2.16
N LEU B 25 -14.49 9.63 1.44
CA LEU B 25 -13.94 8.85 0.35
C LEU B 25 -13.95 9.63 -0.96
N TYR B 26 -13.03 9.27 -1.83
CA TYR B 26 -13.00 9.73 -3.21
C TYR B 26 -12.17 8.74 -4.00
N PRO B 27 -12.27 8.76 -5.31
CA PRO B 27 -11.52 7.76 -6.11
C PRO B 27 -10.02 7.98 -5.94
N SER B 28 -9.32 6.88 -5.67
CA SER B 28 -7.88 6.75 -5.39
C SER B 28 -7.59 6.79 -3.90
N LYS B 29 -8.61 7.01 -3.05
CA LYS B 29 -8.43 6.97 -1.60
C LYS B 29 -8.27 5.54 -1.13
N SER B 30 -7.23 5.29 -0.32
CA SER B 30 -6.98 3.98 0.26
C SER B 30 -7.28 3.97 1.76
N ILE B 31 -7.88 2.87 2.22
CA ILE B 31 -8.01 2.55 3.63
C ILE B 31 -7.21 1.28 3.87
N VAL B 32 -6.39 1.27 4.92
CA VAL B 32 -5.54 0.13 5.21
C VAL B 32 -5.77 -0.29 6.65
N ILE B 33 -6.09 -1.57 6.86
CA ILE B 33 -6.34 -2.12 8.18
C ILE B 33 -5.39 -3.30 8.36
N SER B 34 -4.51 -3.21 9.35
CA SER B 34 -3.53 -4.26 9.59
C SER B 34 -3.63 -4.75 11.03
N GLY B 35 -3.45 -6.05 11.20
CA GLY B 35 -3.49 -6.62 12.53
C GLY B 35 -3.24 -8.10 12.45
N VAL B 36 -3.81 -8.84 13.39
CA VAL B 36 -3.67 -10.28 13.45
C VAL B 36 -5.00 -10.86 13.89
N VAL B 37 -5.44 -11.92 13.22
CA VAL B 37 -6.67 -12.62 13.60
C VAL B 37 -6.41 -13.40 14.88
N LEU B 38 -7.31 -13.29 15.85
CA LEU B 38 -7.14 -14.05 17.09
C LEU B 38 -7.12 -15.55 16.79
N SER B 39 -6.45 -16.31 17.66
CA SER B 39 -6.30 -17.74 17.42
C SER B 39 -7.64 -18.47 17.45
N ASP B 40 -8.63 -17.94 18.16
CA ASP B 40 -9.94 -18.58 18.28
C ASP B 40 -11.04 -17.70 17.70
N ALA B 41 -10.75 -17.02 16.60
CA ALA B 41 -11.68 -16.05 16.05
C ALA B 41 -12.92 -16.72 15.44
N LYS B 42 -14.07 -16.07 15.60
CA LYS B 42 -15.25 -16.44 14.85
C LYS B 42 -15.54 -15.51 13.67
N ARG B 43 -15.32 -14.21 13.85
CA ARG B 43 -15.61 -13.24 12.79
C ARG B 43 -15.01 -11.90 13.16
N PHE B 44 -14.86 -11.03 12.16
CA PHE B 44 -14.64 -9.63 12.46
C PHE B 44 -15.21 -8.82 11.31
N GLN B 45 -15.27 -7.50 11.49
CA GLN B 45 -15.88 -6.66 10.47
C GLN B 45 -15.13 -5.34 10.34
N ILE B 46 -15.05 -4.86 9.11
CA ILE B 46 -14.56 -3.53 8.76
C ILE B 46 -15.72 -2.80 8.11
N ASN B 47 -16.11 -1.66 8.67
CA ASN B 47 -17.25 -0.91 8.14
C ASN B 47 -16.81 0.48 7.71
N LEU B 48 -17.23 0.88 6.53
CA LEU B 48 -17.08 2.27 6.08
C LEU B 48 -18.47 2.87 6.18
N ARG B 49 -18.63 3.84 7.09
CA ARG B 49 -19.92 4.33 7.49
C ARG B 49 -20.18 5.74 6.97
N CYS B 50 -21.45 6.02 6.74
CA CYS B 50 -21.88 7.37 6.35
CA CYS B 50 -21.89 7.35 6.32
C CYS B 50 -23.21 7.62 7.03
N GLY B 51 -23.18 8.51 8.02
CA GLY B 51 -24.37 8.81 8.80
C GLY B 51 -24.92 7.57 9.46
N GLY B 52 -26.16 7.24 9.16
CA GLY B 52 -26.79 6.08 9.70
C GLY B 52 -26.71 4.84 8.81
N ASP B 53 -25.96 4.91 7.73
CA ASP B 53 -25.82 3.82 6.78
C ASP B 53 -24.42 3.22 6.87
N ILE B 54 -24.30 1.98 6.38
CA ILE B 54 -22.99 1.36 6.22
C ILE B 54 -22.77 1.19 4.73
N ALA B 55 -21.91 2.03 4.16
CA ALA B 55 -21.67 1.97 2.72
C ALA B 55 -20.99 0.67 2.33
N PHE B 56 -20.08 0.17 3.18
CA PHE B 56 -19.32 -1.03 2.86
C PHE B 56 -19.04 -1.78 4.15
N HIS B 57 -19.50 -3.02 4.18
CA HIS B 57 -19.34 -3.94 5.30
C HIS B 57 -18.49 -5.09 4.78
N LEU B 58 -17.27 -5.22 5.31
CA LEU B 58 -16.35 -6.29 4.91
C LEU B 58 -16.16 -7.20 6.12
N ASN B 59 -16.57 -8.47 5.98
CA ASN B 59 -16.95 -9.27 7.14
C ASN B 59 -16.46 -10.71 6.99
N PRO B 60 -15.18 -10.96 7.29
CA PRO B 60 -14.68 -12.34 7.30
C PRO B 60 -15.35 -13.15 8.41
N ARG B 61 -15.84 -14.32 8.04
CA ARG B 61 -16.52 -15.21 8.98
C ARG B 61 -15.81 -16.56 8.95
N PHE B 62 -15.13 -16.87 10.04
CA PHE B 62 -14.33 -18.09 10.10
C PHE B 62 -15.20 -19.32 10.31
N ASP B 63 -16.37 -19.15 10.93
CA ASP B 63 -17.29 -20.28 11.06
C ASP B 63 -17.92 -20.64 9.72
N GLU B 64 -18.31 -19.64 8.93
CA GLU B 64 -18.86 -19.90 7.60
C GLU B 64 -17.79 -20.12 6.54
N ASN B 65 -16.52 -19.83 6.86
CA ASN B 65 -15.44 -19.86 5.88
C ASN B 65 -15.79 -18.98 4.68
N ALA B 66 -16.13 -17.72 4.96
CA ALA B 66 -16.57 -16.78 3.94
C ALA B 66 -16.06 -15.39 4.25
N VAL B 67 -16.03 -14.56 3.22
CA VAL B 67 -15.78 -13.13 3.39
C VAL B 67 -17.03 -12.44 2.84
N VAL B 68 -17.88 -11.95 3.73
CA VAL B 68 -19.13 -11.31 3.34
C VAL B 68 -18.92 -9.84 3.05
N ARG B 69 -19.51 -9.36 1.96
CA ARG B 69 -19.58 -7.92 1.68
C ARG B 69 -21.03 -7.51 1.57
N ASN B 70 -21.37 -6.35 2.12
CA ASN B 70 -22.75 -5.91 2.06
C ASN B 70 -22.80 -4.42 2.37
N THR B 71 -24.00 -3.86 2.27
CA THR B 71 -24.31 -2.47 2.53
C THR B 71 -25.58 -2.45 3.38
N GLN B 72 -25.62 -1.56 4.37
CA GLN B 72 -26.79 -1.36 5.21
C GLN B 72 -27.30 0.05 4.97
N ILE B 73 -28.58 0.17 4.63
CA ILE B 73 -29.21 1.45 4.40
C ILE B 73 -30.44 1.55 5.28
N ASN B 74 -30.52 2.62 6.08
CA ASN B 74 -31.66 2.82 6.97
C ASN B 74 -31.98 1.53 7.74
N ASN B 75 -30.93 0.90 8.25
CA ASN B 75 -31.00 -0.26 9.14
C ASN B 75 -31.38 -1.55 8.41
N SER B 76 -31.37 -1.57 7.08
CA SER B 76 -31.70 -2.77 6.33
CA SER B 76 -31.70 -2.77 6.33
C SER B 76 -30.49 -3.21 5.52
N TRP B 77 -30.10 -4.47 5.68
CA TRP B 77 -29.01 -5.04 4.90
C TRP B 77 -29.49 -5.38 3.49
N GLY B 78 -28.59 -5.28 2.53
CA GLY B 78 -28.87 -5.69 1.18
C GLY B 78 -28.46 -7.12 0.93
N PRO B 79 -28.39 -7.50 -0.35
CA PRO B 79 -27.91 -8.86 -0.69
C PRO B 79 -26.41 -8.98 -0.45
N GLU B 80 -26.02 -10.10 0.17
CA GLU B 80 -24.60 -10.34 0.43
C GLU B 80 -23.86 -10.71 -0.85
N GLU B 81 -22.59 -10.33 -0.90
CA GLU B 81 -21.66 -10.75 -1.94
C GLU B 81 -20.55 -11.54 -1.28
N ARG B 82 -20.31 -12.76 -1.78
CA ARG B 82 -19.43 -13.70 -1.13
C ARG B 82 -18.37 -14.29 -2.06
N SER B 83 -18.38 -13.92 -3.34
CA SER B 83 -17.45 -14.56 -4.28
C SER B 83 -16.00 -14.34 -3.84
N LEU B 84 -15.17 -15.35 -4.08
CA LEU B 84 -13.74 -15.28 -3.80
C LEU B 84 -12.99 -15.96 -4.94
N PRO B 85 -11.83 -15.42 -5.32
CA PRO B 85 -11.06 -16.06 -6.40
C PRO B 85 -10.42 -17.37 -5.99
N GLY B 86 -10.15 -17.57 -4.72
CA GLY B 86 -9.48 -18.78 -4.24
C GLY B 86 -9.98 -19.18 -2.90
N SER B 87 -9.08 -19.64 -2.04
CA SER B 87 -9.46 -20.06 -0.71
C SER B 87 -9.61 -18.84 0.20
N MET B 88 -10.19 -19.09 1.37
CA MET B 88 -10.38 -18.09 2.40
C MET B 88 -9.07 -17.34 2.68
N PRO B 89 -9.04 -16.02 2.50
CA PRO B 89 -7.77 -15.27 2.61
C PRO B 89 -7.40 -14.80 4.00
N PHE B 90 -8.22 -15.09 5.01
CA PHE B 90 -7.85 -14.86 6.40
C PHE B 90 -7.80 -16.21 7.11
N SER B 91 -6.95 -16.30 8.12
CA SER B 91 -6.81 -17.51 8.91
C SER B 91 -6.61 -17.15 10.37
N ARG B 92 -7.21 -17.93 11.27
CA ARG B 92 -7.06 -17.68 12.69
C ARG B 92 -5.58 -17.63 13.05
N GLY B 93 -5.25 -16.69 13.93
CA GLY B 93 -3.89 -16.49 14.39
C GLY B 93 -2.93 -15.84 13.42
N GLN B 94 -3.35 -15.55 12.19
CA GLN B 94 -2.45 -15.10 11.13
C GLN B 94 -2.50 -13.58 10.96
N ARG B 95 -1.35 -12.96 10.74
CA ARG B 95 -1.32 -11.53 10.51
C ARG B 95 -1.95 -11.21 9.16
N PHE B 96 -2.52 -10.01 9.04
CA PHE B 96 -3.20 -9.65 7.81
C PHE B 96 -3.04 -8.16 7.57
N SER B 97 -3.17 -7.79 6.30
CA SER B 97 -3.29 -6.38 5.92
C SER B 97 -4.41 -6.28 4.89
N VAL B 98 -5.43 -5.52 5.21
CA VAL B 98 -6.56 -5.30 4.29
C VAL B 98 -6.40 -3.93 3.65
N TRP B 99 -6.41 -3.90 2.32
CA TRP B 99 -6.30 -2.69 1.53
C TRP B 99 -7.62 -2.49 0.81
N ILE B 100 -8.35 -1.43 1.15
CA ILE B 100 -9.60 -1.08 0.49
C ILE B 100 -9.32 0.17 -0.34
N LEU B 101 -9.40 0.04 -1.67
CA LEU B 101 -9.15 1.14 -2.57
C LEU B 101 -10.47 1.64 -3.14
N CYS B 102 -10.78 2.92 -2.93
CA CYS B 102 -12.00 3.49 -3.49
C CYS B 102 -11.75 3.89 -4.93
N GLU B 103 -12.62 3.45 -5.83
CA GLU B 103 -12.65 3.91 -7.20
C GLU B 103 -14.00 4.57 -7.47
N GLY B 104 -14.18 5.10 -8.68
CA GLY B 104 -15.39 5.83 -8.96
C GLY B 104 -16.65 4.99 -8.93
N HIS B 105 -16.54 3.70 -9.23
CA HIS B 105 -17.71 2.84 -9.33
C HIS B 105 -17.71 1.67 -8.35
N CYS B 106 -16.62 1.45 -7.61
CA CYS B 106 -16.51 0.27 -6.78
C CYS B 106 -15.41 0.45 -5.76
N PHE B 107 -15.40 -0.44 -4.77
CA PHE B 107 -14.21 -0.67 -3.96
C PHE B 107 -13.43 -1.84 -4.54
N LYS B 108 -12.10 -1.74 -4.48
CA LYS B 108 -11.22 -2.88 -4.76
C LYS B 108 -10.53 -3.29 -3.48
N VAL B 109 -10.60 -4.57 -3.14
CA VAL B 109 -10.15 -5.07 -1.85
C VAL B 109 -9.07 -6.11 -2.05
N ALA B 110 -7.95 -5.94 -1.37
CA ALA B 110 -6.86 -6.90 -1.39
C ALA B 110 -6.48 -7.26 0.04
N VAL B 111 -6.08 -8.50 0.24
CA VAL B 111 -5.65 -9.00 1.53
C VAL B 111 -4.22 -9.52 1.36
N ASP B 112 -3.29 -8.94 2.12
CA ASP B 112 -1.88 -9.30 2.01
C ASP B 112 -1.39 -9.15 0.57
N GLY B 113 -1.87 -8.11 -0.10
CA GLY B 113 -1.50 -7.85 -1.47
C GLY B 113 -2.25 -8.65 -2.51
N GLN B 114 -3.08 -9.60 -2.11
CA GLN B 114 -3.80 -10.45 -3.05
C GLN B 114 -5.21 -9.92 -3.23
N HIS B 115 -5.56 -9.56 -4.46
CA HIS B 115 -6.89 -9.05 -4.74
C HIS B 115 -7.93 -10.11 -4.42
N ILE B 116 -8.94 -9.74 -3.63
CA ILE B 116 -10.00 -10.68 -3.28
C ILE B 116 -11.36 -10.31 -3.87
N CYS B 117 -11.65 -9.02 -4.07
CA CYS B 117 -12.95 -8.73 -4.65
C CYS B 117 -13.01 -7.27 -5.09
N GLU B 118 -13.94 -7.01 -6.00
CA GLU B 118 -14.47 -5.69 -6.28
C GLU B 118 -15.92 -5.65 -5.78
N TYR B 119 -16.33 -4.48 -5.30
CA TYR B 119 -17.67 -4.31 -4.74
C TYR B 119 -18.24 -3.01 -5.28
N SER B 120 -19.23 -3.11 -6.15
CA SER B 120 -19.80 -1.92 -6.77
C SER B 120 -20.42 -1.04 -5.69
N HIS B 121 -20.19 0.27 -5.80
CA HIS B 121 -20.83 1.21 -4.89
C HIS B 121 -22.34 1.05 -4.93
N ARG B 122 -22.96 0.99 -3.76
CA ARG B 122 -24.41 1.10 -3.66
C ARG B 122 -24.83 2.44 -3.08
N LEU B 123 -23.91 3.13 -2.41
CA LEU B 123 -24.08 4.51 -1.99
C LEU B 123 -22.99 5.31 -2.68
N MET B 124 -23.37 6.39 -3.36
CA MET B 124 -22.44 7.17 -4.15
C MET B 124 -22.07 8.49 -3.50
N ASN B 125 -22.55 8.74 -2.27
CA ASN B 125 -22.22 9.95 -1.53
C ASN B 125 -20.86 9.82 -0.85
N LEU B 126 -19.84 9.66 -1.69
CA LEU B 126 -18.52 9.25 -1.21
C LEU B 126 -17.95 10.18 -0.14
N PRO B 127 -18.03 11.50 -0.25
CA PRO B 127 -17.42 12.35 0.79
C PRO B 127 -18.07 12.20 2.16
N ASP B 128 -19.34 11.76 2.21
CA ASP B 128 -20.00 11.52 3.48
C ASP B 128 -19.61 10.18 4.10
N ILE B 129 -18.93 9.32 3.36
CA ILE B 129 -18.45 8.07 3.94
C ILE B 129 -17.16 8.45 4.66
N ASN B 130 -17.27 8.82 5.94
CA ASN B 130 -16.17 9.50 6.62
C ASN B 130 -15.83 8.85 7.95
N THR B 131 -16.37 7.66 8.24
CA THR B 131 -16.05 6.95 9.48
C THR B 131 -15.64 5.53 9.15
N LEU B 132 -14.56 5.09 9.77
CA LEU B 132 -14.10 3.71 9.71
C LEU B 132 -14.38 3.06 11.05
N GLU B 133 -14.99 1.88 11.02
CA GLU B 133 -15.17 1.04 12.21
C GLU B 133 -14.50 -0.31 11.98
N VAL B 134 -13.78 -0.78 12.99
CA VAL B 134 -13.19 -2.12 12.96
C VAL B 134 -13.57 -2.81 14.26
N ALA B 135 -14.16 -4.00 14.15
CA ALA B 135 -14.61 -4.68 15.35
C ALA B 135 -14.49 -6.20 15.15
N GLY B 136 -14.47 -6.92 16.27
CA GLY B 136 -14.49 -8.37 16.20
C GLY B 136 -13.21 -9.01 16.70
N ASP B 137 -12.97 -10.24 16.23
CA ASP B 137 -11.96 -11.13 16.80
C ASP B 137 -10.59 -10.95 16.14
N ILE B 138 -10.07 -9.73 16.28
CA ILE B 138 -8.74 -9.40 15.80
C ILE B 138 -8.03 -8.59 16.86
N GLN B 139 -6.70 -8.52 16.75
CA GLN B 139 -5.90 -7.50 17.40
C GLN B 139 -5.46 -6.52 16.33
N LEU B 140 -5.75 -5.25 16.53
CA LEU B 140 -5.48 -4.23 15.53
C LEU B 140 -4.12 -3.60 15.79
N THR B 141 -3.29 -3.48 14.75
CA THR B 141 -1.95 -2.93 14.92
C THR B 141 -1.66 -1.68 14.08
N HIS B 142 -2.34 -1.47 12.96
CA HIS B 142 -2.07 -0.28 12.18
C HIS B 142 -3.29 0.05 11.33
N VAL B 143 -3.62 1.34 11.26
CA VAL B 143 -4.72 1.80 10.41
C VAL B 143 -4.26 3.02 9.63
N GLU B 144 -4.68 3.10 8.37
CA GLU B 144 -4.48 4.27 7.53
CA GLU B 144 -4.47 4.27 7.54
C GLU B 144 -5.81 4.66 6.93
N THR B 145 -6.18 5.94 7.07
CA THR B 145 -7.40 6.45 6.46
C THR B 145 -7.17 7.79 5.76
N ASN C 12 25.55 -6.70 36.23
CA ASN C 12 26.67 -7.61 36.03
C ASN C 12 26.56 -8.23 34.64
N LEU C 13 27.22 -9.36 34.40
CA LEU C 13 26.86 -10.26 33.32
C LEU C 13 25.89 -11.34 33.79
N ALA C 14 25.25 -11.15 34.94
CA ALA C 14 24.19 -12.05 35.36
C ALA C 14 23.01 -11.98 34.38
N VAL C 15 22.33 -13.11 34.22
CA VAL C 15 21.13 -13.18 33.40
C VAL C 15 19.90 -13.26 34.28
N PRO C 16 18.77 -12.69 33.83
CA PRO C 16 18.67 -12.01 32.54
C PRO C 16 19.45 -10.70 32.49
N PHE C 17 20.08 -10.47 31.34
CA PHE C 17 20.98 -9.35 31.13
C PHE C 17 20.36 -8.40 30.12
N PHE C 18 20.37 -7.10 30.44
CA PHE C 18 19.84 -6.07 29.53
C PHE C 18 20.89 -4.99 29.33
N THR C 19 21.02 -4.51 28.08
CA THR C 19 21.87 -3.35 27.85
C THR C 19 21.41 -2.65 26.59
N SER C 20 21.80 -1.40 26.47
CA SER C 20 21.41 -0.57 25.35
CA SER C 20 21.40 -0.59 25.35
C SER C 20 22.22 -0.94 24.11
N ILE C 21 21.59 -0.78 22.96
CA ILE C 21 22.27 -0.82 21.67
C ILE C 21 22.44 0.63 21.25
N PRO C 22 23.63 1.21 21.41
CA PRO C 22 23.78 2.66 21.21
C PRO C 22 23.48 3.05 19.77
N ASN C 23 22.60 4.03 19.62
CA ASN C 23 22.09 4.49 18.35
C ASN C 23 21.05 3.52 17.79
N GLY C 24 20.73 2.43 18.47
CA GLY C 24 19.83 1.46 17.86
C GLY C 24 20.49 0.70 16.71
N LEU C 25 19.68 -0.12 16.06
CA LEU C 25 20.19 -0.86 14.91
C LEU C 25 20.24 0.02 13.67
N TYR C 26 21.10 -0.39 12.74
CA TYR C 26 21.17 0.21 11.42
C TYR C 26 21.89 -0.76 10.52
N PRO C 27 21.77 -0.60 9.21
CA PRO C 27 22.49 -1.51 8.29
C PRO C 27 23.99 -1.47 8.55
N SER C 28 24.55 -2.65 8.83
CA SER C 28 25.97 -2.94 9.11
CA SER C 28 25.96 -2.87 9.10
C SER C 28 26.26 -2.93 10.61
N LYS C 29 25.26 -2.72 11.46
CA LYS C 29 25.46 -2.88 12.91
C LYS C 29 25.71 -4.34 13.24
N SER C 30 26.71 -4.60 14.09
CA SER C 30 27.01 -5.95 14.56
C SER C 30 26.73 -6.07 16.05
N ILE C 31 26.28 -7.25 16.46
CA ILE C 31 26.15 -7.60 17.87
C ILE C 31 26.80 -8.96 18.07
N VAL C 32 27.61 -9.09 19.12
CA VAL C 32 28.30 -10.34 19.41
C VAL C 32 27.99 -10.72 20.85
N ILE C 33 27.47 -11.94 21.04
CA ILE C 33 27.16 -12.47 22.36
CA ILE C 33 27.15 -12.47 22.36
C ILE C 33 28.01 -13.71 22.58
N SER C 34 28.76 -13.72 23.67
CA SER C 34 29.65 -14.85 23.98
C SER C 34 29.28 -15.42 25.33
N GLY C 35 29.42 -16.74 25.46
CA GLY C 35 29.07 -17.36 26.73
C GLY C 35 29.29 -18.85 26.69
N VAL C 36 28.73 -19.53 27.70
CA VAL C 36 28.82 -20.98 27.81
CA VAL C 36 28.82 -20.98 27.81
C VAL C 36 27.44 -21.52 28.16
N VAL C 37 26.97 -22.51 27.40
CA VAL C 37 25.70 -23.15 27.74
C VAL C 37 25.88 -23.98 29.00
N LEU C 38 24.95 -23.86 29.93
CA LEU C 38 25.01 -24.66 31.15
C LEU C 38 24.82 -26.14 30.83
N SER C 39 25.42 -27.01 31.67
CA SER C 39 25.41 -28.43 31.36
CA SER C 39 25.42 -28.44 31.39
C SER C 39 24.03 -29.04 31.50
N ASP C 40 23.10 -28.40 32.21
CA ASP C 40 21.73 -28.88 32.31
C ASP C 40 20.75 -27.93 31.62
N ALA C 41 21.22 -27.20 30.61
CA ALA C 41 20.42 -26.17 29.97
C ALA C 41 19.18 -26.74 29.29
N LYS C 42 18.09 -25.99 29.35
CA LYS C 42 16.94 -26.27 28.51
C LYS C 42 16.87 -25.33 27.30
N ARG C 43 17.19 -24.05 27.49
CA ARG C 43 17.03 -23.07 26.43
C ARG C 43 17.71 -21.78 26.88
N PHE C 44 18.03 -20.92 25.92
CA PHE C 44 18.31 -19.52 26.24
C PHE C 44 17.87 -18.67 25.06
N GLN C 45 17.81 -17.36 25.28
CA GLN C 45 17.32 -16.48 24.24
C GLN C 45 18.15 -15.22 24.19
N ILE C 46 18.28 -14.70 22.97
CA ILE C 46 18.82 -13.38 22.69
C ILE C 46 17.72 -12.59 22.02
N ASN C 47 17.35 -11.45 22.62
CA ASN C 47 16.25 -10.64 22.11
C ASN C 47 16.74 -9.25 21.72
N LEU C 48 16.38 -8.82 20.53
CA LEU C 48 16.60 -7.43 20.12
C LEU C 48 15.23 -6.78 20.19
N ARG C 49 15.07 -5.86 21.13
CA ARG C 49 13.77 -5.32 21.50
C ARG C 49 13.62 -3.88 21.04
N CYS C 50 12.38 -3.54 20.72
CA CYS C 50 11.99 -2.17 20.40
CA CYS C 50 11.97 -2.19 20.36
C CYS C 50 10.65 -1.92 21.07
N GLY C 51 10.67 -1.06 22.10
CA GLY C 51 9.44 -0.74 22.81
C GLY C 51 8.83 -1.99 23.40
N GLY C 52 7.58 -2.26 23.04
CA GLY C 52 6.89 -3.44 23.52
C GLY C 52 6.98 -4.62 22.60
N ASP C 53 7.78 -4.52 21.55
CA ASP C 53 7.94 -5.56 20.54
C ASP C 53 9.30 -6.20 20.67
N ILE C 54 9.39 -7.43 20.18
CA ILE C 54 10.67 -8.13 20.07
C ILE C 54 10.94 -8.27 18.58
N ALA C 55 11.85 -7.43 18.06
CA ALA C 55 12.13 -7.46 16.62
C ALA C 55 12.79 -8.76 16.22
N PHE C 56 13.67 -9.30 17.06
CA PHE C 56 14.40 -10.51 16.73
C PHE C 56 14.60 -11.32 18.01
N HIS C 57 14.06 -12.54 18.00
CA HIS C 57 14.15 -13.51 19.08
C HIS C 57 14.97 -14.66 18.54
N LEU C 58 16.19 -14.84 19.05
CA LEU C 58 17.07 -15.93 18.66
C LEU C 58 17.20 -16.88 19.85
N ASN C 59 16.74 -18.12 19.69
CA ASN C 59 16.28 -18.92 20.83
C ASN C 59 16.72 -20.38 20.68
N PRO C 60 17.96 -20.70 21.05
CA PRO C 60 18.38 -22.11 21.07
C PRO C 60 17.62 -22.90 22.13
N ARG C 61 17.08 -24.05 21.73
CA ARG C 61 16.34 -24.92 22.65
C ARG C 61 17.01 -26.29 22.63
N PHE C 62 17.60 -26.68 23.77
CA PHE C 62 18.37 -27.92 23.83
C PHE C 62 17.48 -29.13 23.98
N ASP C 63 16.32 -28.99 24.63
CA ASP C 63 15.38 -30.10 24.65
C ASP C 63 14.78 -30.35 23.27
N GLU C 64 14.46 -29.29 22.53
CA GLU C 64 13.88 -29.45 21.19
C GLU C 64 14.93 -29.73 20.13
N ASN C 65 16.20 -29.43 20.42
CA ASN C 65 17.28 -29.52 19.45
C ASN C 65 17.05 -28.57 18.28
N ALA C 66 16.78 -27.30 18.59
CA ALA C 66 16.39 -26.35 17.57
C ALA C 66 16.98 -24.99 17.90
N VAL C 67 17.08 -24.15 16.89
CA VAL C 67 17.38 -22.73 17.06
C VAL C 67 16.18 -21.98 16.48
N VAL C 68 15.29 -21.53 17.36
CA VAL C 68 14.09 -20.82 16.95
C VAL C 68 14.38 -19.36 16.70
N ARG C 69 13.82 -18.80 15.62
CA ARG C 69 13.86 -17.36 15.37
C ARG C 69 12.43 -16.87 15.21
N ASN C 70 12.13 -15.72 15.80
CA ASN C 70 10.76 -15.22 15.71
C ASN C 70 10.75 -13.73 16.06
N THR C 71 9.56 -13.14 15.95
CA THR C 71 9.29 -11.74 16.20
C THR C 71 8.01 -11.67 17.02
N GLN C 72 7.99 -10.81 18.03
CA GLN C 72 6.80 -10.58 18.83
C GLN C 72 6.33 -9.15 18.63
N ILE C 73 5.05 -8.99 18.29
CA ILE C 73 4.44 -7.69 18.04
C ILE C 73 3.22 -7.57 18.93
N ASN C 74 3.22 -6.55 19.80
CA ASN C 74 2.11 -6.33 20.73
C ASN C 74 1.71 -7.63 21.42
N ASN C 75 2.71 -8.36 21.93
CA ASN C 75 2.55 -9.58 22.71
C ASN C 75 2.15 -10.80 21.88
N SER C 76 2.18 -10.70 20.54
CA SER C 76 1.79 -11.78 19.65
C SER C 76 3.02 -12.33 18.93
N TRP C 77 3.30 -13.64 19.10
CA TRP C 77 4.40 -14.27 18.39
C TRP C 77 4.00 -14.61 16.97
N GLY C 78 4.91 -14.34 16.03
CA GLY C 78 4.69 -14.67 14.64
C GLY C 78 5.03 -16.10 14.32
N PRO C 79 5.15 -16.42 13.03
CA PRO C 79 5.56 -17.78 12.65
C PRO C 79 7.04 -18.01 12.92
N GLU C 80 7.35 -19.13 13.56
CA GLU C 80 8.74 -19.45 13.88
C GLU C 80 9.51 -19.85 12.61
N GLU C 81 10.80 -19.50 12.61
CA GLU C 81 11.75 -19.98 11.61
C GLU C 81 12.77 -20.87 12.31
N ARG C 82 12.98 -22.08 11.78
CA ARG C 82 13.78 -23.11 12.45
C ARG C 82 14.84 -23.74 11.57
N SER C 83 14.96 -23.34 10.30
CA SER C 83 15.87 -24.02 9.39
C SER C 83 17.32 -23.91 9.86
N LEU C 84 18.08 -24.99 9.64
CA LEU C 84 19.49 -25.02 9.99
C LEU C 84 20.24 -25.68 8.83
N PRO C 85 21.41 -25.17 8.48
CA PRO C 85 22.18 -25.80 7.40
C PRO C 85 22.76 -27.15 7.78
N GLY C 86 22.98 -27.39 9.06
CA GLY C 86 23.56 -28.63 9.53
C GLY C 86 23.01 -29.02 10.87
N SER C 87 23.88 -29.47 11.77
CA SER C 87 23.44 -29.89 13.07
C SER C 87 23.28 -28.70 14.01
N MET C 88 22.58 -28.94 15.11
CA MET C 88 22.43 -28.01 16.22
C MET C 88 23.78 -27.34 16.53
N PRO C 89 23.90 -26.02 16.35
CA PRO C 89 25.20 -25.36 16.54
C PRO C 89 25.52 -24.97 17.98
N PHE C 90 24.64 -25.27 18.93
CA PHE C 90 24.93 -25.09 20.34
C PHE C 90 24.83 -26.44 21.03
N SER C 91 25.60 -26.63 22.11
CA SER C 91 25.53 -27.85 22.89
CA SER C 91 25.55 -27.86 22.88
C SER C 91 25.70 -27.53 24.36
N ARG C 92 25.04 -28.34 25.20
CA ARG C 92 25.17 -28.14 26.64
C ARG C 92 26.62 -28.20 27.07
N GLY C 93 27.00 -27.30 27.98
CA GLY C 93 28.34 -27.22 28.50
C GLY C 93 29.36 -26.59 27.56
N GLN C 94 28.95 -26.17 26.37
CA GLN C 94 29.89 -25.76 25.33
C GLN C 94 29.90 -24.24 25.20
N ARG C 95 31.09 -23.71 25.00
CA ARG C 95 31.26 -22.27 24.78
CA ARG C 95 31.25 -22.27 24.78
C ARG C 95 30.74 -21.89 23.39
N PHE C 96 30.22 -20.67 23.28
CA PHE C 96 29.68 -20.22 22.01
C PHE C 96 29.99 -18.75 21.80
N SER C 97 30.01 -18.35 20.52
CA SER C 97 30.04 -16.95 20.11
C SER C 97 29.01 -16.74 19.02
N VAL C 98 28.04 -15.87 19.28
CA VAL C 98 26.96 -15.58 18.36
C VAL C 98 27.22 -14.22 17.76
N TRP C 99 27.29 -14.15 16.43
CA TRP C 99 27.46 -12.89 15.72
C TRP C 99 26.20 -12.58 14.93
N ILE C 100 25.53 -11.48 15.29
CA ILE C 100 24.33 -11.03 14.59
C ILE C 100 24.71 -9.80 13.78
N LEU C 101 24.57 -9.88 12.47
CA LEU C 101 24.84 -8.76 11.57
C LEU C 101 23.50 -8.23 11.07
N CYS C 102 23.27 -6.95 11.29
CA CYS C 102 22.06 -6.31 10.80
C CYS C 102 22.38 -5.73 9.42
N GLU C 103 21.78 -6.30 8.39
CA GLU C 103 21.88 -5.75 7.06
C GLU C 103 20.64 -4.90 6.80
N GLY C 104 20.59 -4.28 5.61
CA GLY C 104 19.43 -3.48 5.30
C GLY C 104 18.14 -4.29 5.25
N HIS C 105 18.23 -5.56 4.89
CA HIS C 105 17.05 -6.37 4.65
C HIS C 105 16.87 -7.55 5.60
N CYS C 106 17.89 -7.89 6.38
CA CYS C 106 17.79 -9.07 7.22
C CYS C 106 18.86 -9.03 8.29
N PHE C 107 18.71 -9.93 9.26
CA PHE C 107 19.79 -10.33 10.14
C PHE C 107 20.50 -11.55 9.57
N LYS C 108 21.82 -11.52 9.61
CA LYS C 108 22.64 -12.71 9.35
C LYS C 108 23.26 -13.16 10.66
N VAL C 109 23.13 -14.45 10.97
CA VAL C 109 23.55 -14.98 12.26
C VAL C 109 24.59 -16.07 12.02
N ALA C 110 25.75 -15.93 12.65
CA ALA C 110 26.77 -16.98 12.65
C ALA C 110 27.07 -17.39 14.08
N VAL C 111 27.32 -18.69 14.28
CA VAL C 111 27.65 -19.25 15.59
C VAL C 111 29.01 -19.90 15.47
N ASP C 112 29.97 -19.42 16.26
CA ASP C 112 31.33 -19.96 16.20
C ASP C 112 31.90 -19.88 14.80
N GLY C 113 31.53 -18.84 14.05
CA GLY C 113 31.96 -18.66 12.68
C GLY C 113 31.10 -19.31 11.62
N GLN C 114 30.25 -20.26 11.98
CA GLN C 114 29.40 -20.97 11.03
C GLN C 114 28.14 -20.16 10.78
N HIS C 115 27.89 -19.80 9.53
CA HIS C 115 26.64 -19.13 9.20
C HIS C 115 25.48 -20.08 9.45
N ILE C 116 24.48 -19.63 10.21
CA ILE C 116 23.38 -20.54 10.53
C ILE C 116 22.06 -20.06 9.96
N CYS C 117 21.88 -18.75 9.78
CA CYS C 117 20.60 -18.36 9.22
C CYS C 117 20.62 -16.90 8.80
N GLU C 118 19.71 -16.59 7.89
CA GLU C 118 19.26 -15.25 7.62
C GLU C 118 17.81 -15.13 8.09
N TYR C 119 17.47 -13.95 8.59
CA TYR C 119 16.13 -13.69 9.10
C TYR C 119 15.69 -12.34 8.55
N SER C 120 14.76 -12.36 7.59
CA SER C 120 14.29 -11.12 7.00
C SER C 120 13.66 -10.24 8.05
N HIS C 121 13.98 -8.95 8.01
CA HIS C 121 13.38 -8.01 8.96
C HIS C 121 11.86 -8.06 8.86
N ARG C 122 11.21 -8.15 10.01
CA ARG C 122 9.76 -7.99 10.08
C ARG C 122 9.36 -6.65 10.65
N LEU C 123 10.18 -6.10 11.52
CA LEU C 123 10.07 -4.73 12.00
C LEU C 123 11.23 -3.94 11.42
N MET C 124 10.92 -2.88 10.67
CA MET C 124 11.94 -2.11 9.98
C MET C 124 12.25 -0.79 10.66
N ASN C 125 11.72 -0.56 11.86
CA ASN C 125 12.03 0.62 12.67
C ASN C 125 13.37 0.43 13.38
N LEU C 126 14.43 0.32 12.58
CA LEU C 126 15.71 -0.16 13.12
C LEU C 126 16.26 0.68 14.26
N PRO C 127 16.24 2.01 14.20
CA PRO C 127 16.81 2.79 15.31
C PRO C 127 16.10 2.58 16.62
N ASP C 128 14.80 2.24 16.59
CA ASP C 128 14.06 1.95 17.80
C ASP C 128 14.41 0.60 18.38
N ILE C 129 15.07 -0.28 17.63
CA ILE C 129 15.53 -1.56 18.17
C ILE C 129 16.81 -1.26 18.93
N ASN C 130 16.67 -0.88 20.20
CA ASN C 130 17.77 -0.29 20.94
C ASN C 130 18.05 -1.00 22.27
N THR C 131 17.41 -2.14 22.53
CA THR C 131 17.65 -2.88 23.76
C THR C 131 18.03 -4.32 23.42
N LEU C 132 19.10 -4.80 24.04
CA LEU C 132 19.53 -6.19 23.93
C LEU C 132 19.20 -6.89 25.23
N GLU C 133 18.55 -8.05 25.12
CA GLU C 133 18.28 -8.92 26.27
C GLU C 133 18.92 -10.28 26.02
N VAL C 134 19.63 -10.80 27.02
CA VAL C 134 20.12 -12.18 26.97
C VAL C 134 19.63 -12.86 28.23
N ALA C 135 18.94 -13.98 28.08
CA ALA C 135 18.36 -14.67 29.23
C ALA C 135 18.43 -16.18 29.02
N GLY C 136 18.30 -16.92 30.11
CA GLY C 136 18.19 -18.36 30.04
C GLY C 136 19.41 -19.08 30.61
N ASP C 137 19.59 -20.31 30.13
CA ASP C 137 20.48 -21.28 30.77
C ASP C 137 21.90 -21.19 30.20
N ILE C 138 22.53 -20.05 30.41
CA ILE C 138 23.90 -19.83 30.00
C ILE C 138 24.64 -19.10 31.10
N GLN C 139 25.96 -19.18 31.04
CA GLN C 139 26.83 -18.19 31.67
C GLN C 139 27.24 -17.22 30.58
N LEU C 140 26.89 -15.95 30.76
CA LEU C 140 27.24 -14.92 29.79
C LEU C 140 28.65 -14.42 30.08
N THR C 141 29.49 -14.35 29.05
CA THR C 141 30.87 -13.93 29.28
C THR C 141 31.27 -12.63 28.57
N HIS C 142 30.60 -12.24 27.49
CA HIS C 142 30.96 -11.00 26.83
C HIS C 142 29.81 -10.56 25.94
N VAL C 143 29.59 -9.25 25.88
CA VAL C 143 28.56 -8.67 25.04
C VAL C 143 29.20 -7.51 24.29
N GLU C 144 28.97 -7.47 22.97
CA GLU C 144 29.39 -6.33 22.15
C GLU C 144 28.14 -5.81 21.43
N THR C 145 27.74 -4.57 21.70
CA THR C 145 26.60 -3.99 20.99
C THR C 145 26.95 -2.63 20.38
N SER D 2 -22.01 -3.55 -20.37
CA SER D 2 -22.02 -2.10 -20.23
C SER D 2 -20.98 -1.65 -19.19
N SER D 3 -19.95 -2.47 -19.03
CA SER D 3 -18.85 -2.20 -18.12
C SER D 3 -17.55 -2.24 -18.90
N PHE D 4 -16.80 -1.14 -18.88
CA PHE D 4 -15.54 -1.02 -19.60
C PHE D 4 -14.45 -0.63 -18.61
N SER D 5 -13.38 -1.43 -18.56
CA SER D 5 -12.32 -1.27 -17.57
C SER D 5 -10.96 -1.23 -18.25
N THR D 6 -10.01 -0.57 -17.59
CA THR D 6 -8.61 -0.63 -18.02
C THR D 6 -7.95 -1.95 -17.65
N GLN D 7 -8.48 -2.64 -16.64
CA GLN D 7 -7.91 -3.90 -16.18
C GLN D 7 -8.46 -5.09 -16.97
N THR D 8 -8.21 -5.04 -18.28
CA THR D 8 -8.55 -6.13 -19.18
C THR D 8 -7.45 -6.24 -20.23
N PRO D 9 -7.22 -7.43 -20.77
CA PRO D 9 -6.07 -7.59 -21.69
C PRO D 9 -6.09 -6.64 -22.87
N TYR D 10 -7.25 -6.45 -23.49
CA TYR D 10 -7.41 -5.56 -24.65
C TYR D 10 -8.41 -4.48 -24.31
N PRO D 11 -7.96 -3.42 -23.62
CA PRO D 11 -8.89 -2.36 -23.23
C PRO D 11 -9.43 -1.65 -24.46
N ASN D 12 -10.62 -1.07 -24.30
CA ASN D 12 -11.33 -0.47 -25.41
C ASN D 12 -11.92 0.88 -24.97
N LEU D 13 -11.02 1.78 -24.55
CA LEU D 13 -11.43 3.02 -23.93
C LEU D 13 -10.93 4.25 -24.69
N ALA D 14 -10.61 4.09 -25.97
CA ALA D 14 -10.24 5.24 -26.78
C ALA D 14 -11.41 6.21 -26.86
N VAL D 15 -11.09 7.49 -27.02
CA VAL D 15 -12.10 8.51 -27.29
C VAL D 15 -11.95 8.96 -28.74
N PRO D 16 -13.07 9.30 -29.39
CA PRO D 16 -14.40 9.29 -28.79
C PRO D 16 -14.93 7.90 -28.50
N PHE D 17 -15.62 7.80 -27.37
CA PHE D 17 -16.11 6.54 -26.83
C PHE D 17 -17.63 6.52 -26.88
N PHE D 18 -18.20 5.39 -27.30
CA PHE D 18 -19.64 5.24 -27.38
C PHE D 18 -20.03 3.93 -26.75
N THR D 19 -21.11 3.93 -25.97
CA THR D 19 -21.65 2.64 -25.57
C THR D 19 -23.13 2.78 -25.26
N SER D 20 -23.82 1.67 -25.28
CA SER D 20 -25.25 1.67 -25.00
CA SER D 20 -25.25 1.71 -25.00
C SER D 20 -25.50 1.84 -23.51
N ILE D 21 -26.64 2.45 -23.18
CA ILE D 21 -27.21 2.43 -21.84
C ILE D 21 -28.37 1.44 -21.95
N PRO D 22 -28.19 0.20 -21.50
CA PRO D 22 -29.22 -0.83 -21.76
C PRO D 22 -30.56 -0.44 -21.17
N ASN D 23 -31.60 -0.53 -22.00
CA ASN D 23 -32.98 -0.17 -21.68
C ASN D 23 -33.18 1.33 -21.55
N GLY D 24 -32.17 2.15 -21.84
CA GLY D 24 -32.33 3.58 -21.72
C GLY D 24 -32.28 4.05 -20.28
N LEU D 25 -32.73 5.27 -20.08
CA LEU D 25 -32.77 5.86 -18.75
C LEU D 25 -34.18 5.87 -18.21
N TYR D 26 -34.25 5.91 -16.89
CA TYR D 26 -35.50 6.13 -16.17
C TYR D 26 -35.13 6.57 -14.77
N PRO D 27 -36.08 7.10 -14.00
CA PRO D 27 -35.71 7.63 -12.68
C PRO D 27 -35.12 6.54 -11.79
N SER D 28 -33.96 6.85 -11.21
CA SER D 28 -33.18 5.98 -10.32
C SER D 28 -31.99 5.33 -11.02
N LYS D 29 -31.96 5.38 -12.36
CA LYS D 29 -30.83 4.83 -13.12
C LYS D 29 -29.66 5.79 -13.12
N SER D 30 -28.45 5.26 -13.02
CA SER D 30 -27.22 6.03 -12.92
CA SER D 30 -27.28 6.11 -13.04
C SER D 30 -26.19 5.51 -13.92
N ILE D 31 -25.22 6.35 -14.27
CA ILE D 31 -24.05 5.92 -15.03
C ILE D 31 -22.83 6.60 -14.42
N VAL D 32 -21.67 5.97 -14.62
CA VAL D 32 -20.40 6.47 -14.09
C VAL D 32 -19.38 6.54 -15.22
N ILE D 33 -18.64 7.64 -15.29
CA ILE D 33 -17.60 7.86 -16.29
C ILE D 33 -16.37 8.35 -15.54
N SER D 34 -15.26 7.60 -15.65
CA SER D 34 -14.03 7.92 -14.93
C SER D 34 -12.88 8.06 -15.91
N GLY D 35 -11.98 8.98 -15.63
CA GLY D 35 -10.86 9.18 -16.51
C GLY D 35 -9.85 10.12 -15.92
N VAL D 36 -8.98 10.65 -16.78
CA VAL D 36 -8.00 11.66 -16.39
C VAL D 36 -8.00 12.76 -17.44
N VAL D 37 -8.10 14.01 -16.98
CA VAL D 37 -8.01 15.13 -17.90
C VAL D 37 -6.58 15.23 -18.41
N LEU D 38 -6.43 15.40 -19.72
CA LEU D 38 -5.10 15.59 -20.29
C LEU D 38 -4.44 16.82 -19.68
N SER D 39 -3.10 16.80 -19.65
CA SER D 39 -2.37 17.83 -18.92
CA SER D 39 -2.36 17.83 -18.93
C SER D 39 -2.55 19.21 -19.53
N ASP D 40 -2.87 19.30 -20.83
CA ASP D 40 -3.11 20.57 -21.50
C ASP D 40 -4.48 20.59 -22.15
N ALA D 41 -5.45 19.92 -21.52
CA ALA D 41 -6.77 19.75 -22.10
C ALA D 41 -7.45 21.09 -22.35
N LYS D 42 -8.17 21.18 -23.47
CA LYS D 42 -9.02 22.33 -23.73
C LYS D 42 -10.43 22.10 -23.21
N ARG D 43 -11.02 20.97 -23.56
CA ARG D 43 -12.41 20.68 -23.21
C ARG D 43 -12.60 19.18 -23.32
N PHE D 44 -13.67 18.70 -22.68
CA PHE D 44 -14.20 17.38 -23.05
C PHE D 44 -15.69 17.38 -22.82
N GLN D 45 -16.36 16.33 -23.29
CA GLN D 45 -17.81 16.31 -23.21
C GLN D 45 -18.31 14.90 -22.96
N ILE D 46 -19.39 14.84 -22.21
CA ILE D 46 -20.13 13.62 -21.96
C ILE D 46 -21.55 13.89 -22.46
N ASN D 47 -22.00 13.08 -23.43
CA ASN D 47 -23.29 13.29 -24.06
C ASN D 47 -24.17 12.08 -23.85
N LEU D 48 -25.39 12.32 -23.38
CA LEU D 48 -26.43 11.30 -23.31
C LEU D 48 -27.34 11.55 -24.50
N ARG D 49 -27.34 10.61 -25.44
CA ARG D 49 -27.96 10.79 -26.75
C ARG D 49 -29.24 9.96 -26.87
N CYS D 50 -30.19 10.52 -27.61
CA CYS D 50 -31.43 9.85 -27.99
C CYS D 50 -31.70 10.16 -29.45
N GLY D 51 -31.51 9.16 -30.30
CA GLY D 51 -31.71 9.39 -31.72
C GLY D 51 -30.72 10.41 -32.26
N GLY D 52 -31.24 11.46 -32.88
CA GLY D 52 -30.44 12.55 -33.39
C GLY D 52 -30.32 13.72 -32.44
N ASP D 53 -30.85 13.59 -31.23
CA ASP D 53 -30.79 14.64 -30.22
C ASP D 53 -29.76 14.29 -29.14
N ILE D 54 -29.31 15.32 -28.44
CA ILE D 54 -28.48 15.16 -27.24
C ILE D 54 -29.31 15.64 -26.06
N ALA D 55 -29.83 14.69 -25.27
CA ALA D 55 -30.66 15.05 -24.13
C ALA D 55 -29.85 15.82 -23.09
N PHE D 56 -28.59 15.44 -22.89
CA PHE D 56 -27.77 16.06 -21.86
C PHE D 56 -26.34 16.10 -22.34
N HIS D 57 -25.78 17.30 -22.37
CA HIS D 57 -24.42 17.61 -22.79
C HIS D 57 -23.73 18.18 -21.57
N LEU D 58 -22.73 17.46 -21.05
CA LEU D 58 -21.94 17.89 -19.89
C LEU D 58 -20.52 18.15 -20.38
N ASN D 59 -20.06 19.39 -20.25
CA ASN D 59 -18.98 19.90 -21.10
C ASN D 59 -17.99 20.74 -20.29
N PRO D 60 -17.06 20.12 -19.58
CA PRO D 60 -16.04 20.88 -18.86
C PRO D 60 -15.12 21.58 -19.85
N ARG D 61 -14.90 22.88 -19.62
CA ARG D 61 -14.09 23.70 -20.52
C ARG D 61 -12.96 24.31 -19.69
N PHE D 62 -11.74 23.89 -20.00
CA PHE D 62 -10.60 24.33 -19.19
C PHE D 62 -10.05 25.66 -19.65
N ASP D 63 -10.29 26.02 -20.91
CA ASP D 63 -9.93 27.35 -21.38
C ASP D 63 -10.87 28.41 -20.80
N GLU D 64 -12.13 28.04 -20.53
CA GLU D 64 -13.11 28.94 -19.94
C GLU D 64 -13.27 28.77 -18.43
N ASN D 65 -12.69 27.72 -17.84
CA ASN D 65 -12.85 27.44 -16.42
C ASN D 65 -14.33 27.26 -16.05
N ALA D 66 -15.03 26.43 -16.82
CA ALA D 66 -16.47 26.31 -16.71
C ALA D 66 -16.90 24.87 -16.93
N VAL D 67 -18.09 24.55 -16.45
CA VAL D 67 -18.77 23.28 -16.77
C VAL D 67 -20.09 23.64 -17.41
N VAL D 68 -20.16 23.52 -18.73
CA VAL D 68 -21.34 23.84 -19.49
C VAL D 68 -22.28 22.64 -19.51
N ARG D 69 -23.58 22.89 -19.34
CA ARG D 69 -24.61 21.88 -19.55
C ARG D 69 -25.61 22.40 -20.58
N ASN D 70 -26.05 21.52 -21.48
CA ASN D 70 -26.95 21.96 -22.55
C ASN D 70 -27.64 20.73 -23.14
N THR D 71 -28.55 20.99 -24.08
CA THR D 71 -29.31 19.99 -24.80
C THR D 71 -29.27 20.38 -26.27
N GLN D 72 -29.19 19.39 -27.15
CA GLN D 72 -29.23 19.64 -28.59
C GLN D 72 -30.44 18.93 -29.18
N ILE D 73 -31.27 19.67 -29.91
CA ILE D 73 -32.48 19.11 -30.50
C ILE D 73 -32.44 19.47 -31.99
N ASN D 74 -32.55 18.45 -32.83
CA ASN D 74 -32.54 18.65 -34.28
C ASN D 74 -31.35 19.53 -34.71
N ASN D 75 -30.20 19.28 -34.09
CA ASN D 75 -28.93 19.93 -34.41
C ASN D 75 -28.84 21.38 -33.92
N SER D 76 -29.73 21.82 -33.05
CA SER D 76 -29.69 23.16 -32.49
CA SER D 76 -29.70 23.17 -32.49
C SER D 76 -29.49 23.11 -30.98
N TRP D 77 -28.48 23.81 -30.49
CA TRP D 77 -28.22 23.90 -29.07
C TRP D 77 -29.19 24.85 -28.39
N GLY D 78 -29.50 24.56 -27.12
CA GLY D 78 -30.31 25.45 -26.33
C GLY D 78 -29.47 26.46 -25.54
N PRO D 79 -30.09 27.10 -24.56
CA PRO D 79 -29.33 27.98 -23.67
C PRO D 79 -28.44 27.18 -22.71
N GLU D 80 -27.21 27.64 -22.53
CA GLU D 80 -26.29 26.93 -21.63
C GLU D 80 -26.63 27.15 -20.17
N GLU D 81 -26.30 26.18 -19.34
CA GLU D 81 -26.34 26.31 -17.88
C GLU D 81 -24.93 26.10 -17.36
N ARG D 82 -24.45 27.06 -16.54
CA ARG D 82 -23.05 27.10 -16.13
C ARG D 82 -22.84 27.23 -14.62
N SER D 83 -23.91 27.34 -13.83
CA SER D 83 -23.75 27.59 -12.40
C SER D 83 -22.96 26.47 -11.74
N LEU D 84 -22.12 26.86 -10.78
CA LEU D 84 -21.41 25.88 -9.98
C LEU D 84 -21.48 26.29 -8.52
N PRO D 85 -21.61 25.33 -7.60
CA PRO D 85 -21.65 25.69 -6.17
C PRO D 85 -20.31 26.17 -5.65
N GLY D 86 -19.20 25.70 -6.21
CA GLY D 86 -17.88 26.11 -5.76
C GLY D 86 -16.86 26.22 -6.87
N SER D 87 -15.65 25.75 -6.61
CA SER D 87 -14.59 25.83 -7.60
C SER D 87 -14.89 24.89 -8.77
N MET D 88 -14.25 25.18 -9.89
CA MET D 88 -14.20 24.28 -11.03
C MET D 88 -13.87 22.86 -10.56
N PRO D 89 -14.73 21.88 -10.81
CA PRO D 89 -14.53 20.54 -10.21
C PRO D 89 -13.68 19.59 -11.04
N PHE D 90 -13.21 20.00 -12.22
CA PHE D 90 -12.25 19.25 -13.01
C PHE D 90 -10.99 20.10 -13.17
N SER D 91 -9.84 19.45 -13.28
CA SER D 91 -8.57 20.13 -13.43
C SER D 91 -7.69 19.40 -14.43
N ARG D 92 -6.93 20.15 -15.21
CA ARG D 92 -5.99 19.55 -16.14
C ARG D 92 -5.06 18.58 -15.43
N GLY D 93 -4.81 17.44 -16.06
CA GLY D 93 -3.93 16.41 -15.53
C GLY D 93 -4.46 15.63 -14.34
N GLN D 94 -5.69 15.87 -13.90
CA GLN D 94 -6.22 15.30 -12.68
C GLN D 94 -7.26 14.24 -13.01
N ARG D 95 -7.28 13.16 -12.24
CA ARG D 95 -8.33 12.16 -12.41
C ARG D 95 -9.70 12.75 -12.07
N PHE D 96 -10.74 12.12 -12.60
CA PHE D 96 -12.10 12.51 -12.28
C PHE D 96 -12.99 11.28 -12.37
N SER D 97 -14.13 11.34 -11.67
CA SER D 97 -15.19 10.36 -11.86
C SER D 97 -16.53 11.08 -11.80
N VAL D 98 -17.29 10.99 -12.88
CA VAL D 98 -18.58 11.63 -12.97
C VAL D 98 -19.67 10.61 -12.73
N TRP D 99 -20.58 10.92 -11.81
CA TRP D 99 -21.75 10.11 -11.55
C TRP D 99 -22.96 10.92 -11.99
N ILE D 100 -23.70 10.40 -12.97
CA ILE D 100 -24.93 11.03 -13.43
C ILE D 100 -26.11 10.16 -13.00
N LEU D 101 -27.03 10.77 -12.26
CA LEU D 101 -28.21 10.08 -11.75
C LEU D 101 -29.45 10.65 -12.44
N CYS D 102 -30.24 9.78 -13.06
CA CYS D 102 -31.48 10.21 -13.66
C CYS D 102 -32.59 10.21 -12.60
N GLU D 103 -33.24 11.36 -12.42
CA GLU D 103 -34.45 11.47 -11.61
C GLU D 103 -35.64 11.79 -12.48
N GLY D 104 -36.80 11.97 -11.85
CA GLY D 104 -38.01 12.22 -12.60
C GLY D 104 -38.00 13.55 -13.34
N HIS D 105 -37.42 14.59 -12.72
CA HIS D 105 -37.44 15.92 -13.31
C HIS D 105 -36.07 16.43 -13.72
N CYS D 106 -34.99 15.74 -13.38
CA CYS D 106 -33.66 16.27 -13.68
C CYS D 106 -32.63 15.15 -13.71
N PHE D 107 -31.46 15.48 -14.24
CA PHE D 107 -30.24 14.76 -13.96
C PHE D 107 -29.51 15.40 -12.78
N LYS D 108 -28.95 14.56 -11.91
CA LYS D 108 -28.08 15.03 -10.85
C LYS D 108 -26.67 14.57 -11.19
N VAL D 109 -25.71 15.47 -11.06
CA VAL D 109 -24.33 15.23 -11.46
C VAL D 109 -23.42 15.42 -10.25
N ALA D 110 -22.56 14.44 -10.02
CA ALA D 110 -21.55 14.56 -8.98
C ALA D 110 -20.21 14.25 -9.61
N VAL D 111 -19.17 14.86 -9.07
CA VAL D 111 -17.80 14.60 -9.48
C VAL D 111 -17.04 14.13 -8.25
N ASP D 112 -16.47 12.94 -8.33
CA ASP D 112 -15.81 12.35 -7.18
C ASP D 112 -16.75 12.27 -5.97
N GLY D 113 -18.02 12.00 -6.24
CA GLY D 113 -19.01 11.89 -5.19
C GLY D 113 -19.53 13.21 -4.62
N GLN D 114 -19.01 14.35 -5.06
CA GLN D 114 -19.52 15.64 -4.61
C GLN D 114 -20.51 16.17 -5.65
N HIS D 115 -21.72 16.51 -5.20
CA HIS D 115 -22.72 17.08 -6.09
C HIS D 115 -22.22 18.38 -6.72
N ILE D 116 -22.39 18.53 -8.04
CA ILE D 116 -21.98 19.76 -8.70
C ILE D 116 -23.14 20.46 -9.39
N CYS D 117 -24.17 19.72 -9.80
CA CYS D 117 -25.28 20.44 -10.42
C CYS D 117 -26.47 19.52 -10.62
N GLU D 118 -27.63 20.15 -10.78
CA GLU D 118 -28.85 19.52 -11.22
CA GLU D 118 -28.83 19.49 -11.24
C GLU D 118 -29.21 20.12 -12.58
N TYR D 119 -29.74 19.29 -13.49
CA TYR D 119 -30.09 19.78 -14.82
C TYR D 119 -31.48 19.29 -15.17
N SER D 120 -32.44 20.21 -15.24
CA SER D 120 -33.83 19.82 -15.51
C SER D 120 -33.97 19.19 -16.88
N HIS D 121 -34.73 18.09 -16.94
CA HIS D 121 -34.94 17.43 -18.22
C HIS D 121 -35.54 18.41 -19.22
N ARG D 122 -34.98 18.44 -20.42
CA ARG D 122 -35.60 19.16 -21.52
C ARG D 122 -36.23 18.22 -22.54
N LEU D 123 -35.84 16.95 -22.55
CA LEU D 123 -36.47 15.87 -23.30
C LEU D 123 -36.91 14.81 -22.30
N MET D 124 -38.17 14.38 -22.38
CA MET D 124 -38.68 13.43 -21.40
C MET D 124 -38.79 12.00 -21.91
N ASN D 125 -38.34 11.72 -23.14
CA ASN D 125 -38.29 10.36 -23.66
C ASN D 125 -37.07 9.62 -23.09
N LEU D 126 -37.07 9.49 -21.75
CA LEU D 126 -35.91 8.95 -21.06
C LEU D 126 -35.52 7.56 -21.54
N PRO D 127 -36.44 6.64 -21.82
CA PRO D 127 -36.02 5.31 -22.27
C PRO D 127 -35.32 5.33 -23.62
N ASP D 128 -35.52 6.38 -24.42
CA ASP D 128 -34.80 6.52 -25.68
C ASP D 128 -33.41 7.11 -25.50
N ILE D 129 -33.08 7.62 -24.31
CA ILE D 129 -31.72 8.07 -24.06
C ILE D 129 -30.90 6.82 -23.78
N ASN D 130 -30.37 6.20 -24.84
CA ASN D 130 -29.78 4.88 -24.73
C ASN D 130 -28.36 4.81 -25.27
N THR D 131 -27.72 5.96 -25.51
CA THR D 131 -26.35 6.01 -26.00
C THR D 131 -25.56 7.01 -25.18
N LEU D 132 -24.41 6.57 -24.68
CA LEU D 132 -23.45 7.44 -24.01
C LEU D 132 -22.30 7.72 -24.97
N GLU D 133 -21.92 8.99 -25.10
CA GLU D 133 -20.73 9.40 -25.80
C GLU D 133 -19.82 10.13 -24.82
N VAL D 134 -18.53 9.82 -24.89
CA VAL D 134 -17.50 10.58 -24.18
C VAL D 134 -16.44 10.97 -25.19
N ALA D 135 -16.13 12.27 -25.27
CA ALA D 135 -15.20 12.71 -26.30
C ALA D 135 -14.37 13.87 -25.77
N GLY D 136 -13.22 14.08 -26.40
CA GLY D 136 -12.41 15.23 -26.06
C GLY D 136 -11.10 14.92 -25.36
N ASP D 137 -10.61 15.87 -24.57
CA ASP D 137 -9.22 15.88 -24.12
C ASP D 137 -9.07 15.17 -22.78
N ILE D 138 -9.36 13.88 -22.79
CA ILE D 138 -9.21 13.03 -21.61
C ILE D 138 -8.64 11.68 -22.03
N GLN D 139 -8.17 10.95 -21.03
CA GLN D 139 -7.94 9.52 -21.13
C GLN D 139 -9.02 8.85 -20.28
N LEU D 140 -9.82 7.98 -20.88
CA LEU D 140 -10.86 7.28 -20.15
C LEU D 140 -10.27 6.11 -19.38
N THR D 141 -10.73 5.91 -18.15
CA THR D 141 -10.29 4.78 -17.36
C THR D 141 -11.39 3.79 -17.01
N HIS D 142 -12.65 4.22 -16.95
CA HIS D 142 -13.72 3.28 -16.67
C HIS D 142 -15.07 3.88 -17.04
N VAL D 143 -15.96 3.04 -17.57
CA VAL D 143 -17.33 3.42 -17.87
C VAL D 143 -18.26 2.34 -17.35
N GLU D 144 -19.31 2.76 -16.63
CA GLU D 144 -20.33 1.84 -16.13
C GLU D 144 -21.68 2.40 -16.57
N THR D 145 -22.44 1.64 -17.35
CA THR D 145 -23.79 2.06 -17.72
C THR D 145 -24.80 0.96 -17.40
N SER E 2 13.83 -11.97 -6.81
CA SER E 2 13.63 -10.73 -6.08
C SER E 2 14.73 -10.50 -5.03
N SER E 3 15.76 -11.34 -5.08
CA SER E 3 16.87 -11.28 -4.14
C SER E 3 18.18 -11.34 -4.91
N PHE E 4 18.97 -10.27 -4.84
CA PHE E 4 20.25 -10.19 -5.54
C PHE E 4 21.32 -9.83 -4.54
N SER E 5 22.40 -10.63 -4.49
CA SER E 5 23.45 -10.47 -3.50
C SER E 5 24.81 -10.60 -4.15
N THR E 6 25.81 -9.98 -3.52
CA THR E 6 27.19 -10.15 -3.96
C THR E 6 27.70 -11.56 -3.72
N GLN E 7 27.12 -12.25 -2.73
CA GLN E 7 27.63 -13.54 -2.26
C GLN E 7 27.01 -14.69 -3.04
N THR E 8 27.26 -14.68 -4.35
CA THR E 8 26.84 -15.74 -5.27
C THR E 8 27.98 -16.02 -6.23
N PRO E 9 28.06 -17.24 -6.76
CA PRO E 9 29.14 -17.54 -7.70
C PRO E 9 29.07 -16.73 -9.00
N TYR E 10 27.89 -16.27 -9.41
CA TYR E 10 27.70 -15.50 -10.64
C TYR E 10 27.05 -14.17 -10.27
N PRO E 11 27.81 -13.24 -9.72
CA PRO E 11 27.22 -11.95 -9.29
C PRO E 11 26.61 -11.22 -10.47
N ASN E 12 25.51 -10.52 -10.20
CA ASN E 12 24.73 -9.87 -11.26
C ASN E 12 24.16 -8.55 -10.74
N LEU E 13 25.04 -7.65 -10.31
CA LEU E 13 24.63 -6.39 -9.68
C LEU E 13 25.15 -5.17 -10.42
N ALA E 14 25.51 -5.30 -11.70
CA ALA E 14 25.93 -4.15 -12.47
C ALA E 14 24.78 -3.15 -12.58
N VAL E 15 25.15 -1.87 -12.72
CA VAL E 15 24.18 -0.82 -13.03
C VAL E 15 24.41 -0.38 -14.48
N PRO E 16 23.32 -0.03 -15.18
CA PRO E 16 21.99 0.02 -14.57
C PRO E 16 21.41 -1.36 -14.30
N PHE E 17 20.66 -1.45 -13.21
CA PHE E 17 20.17 -2.70 -12.67
C PHE E 17 18.65 -2.66 -12.72
N PHE E 18 18.03 -3.76 -13.17
CA PHE E 18 16.58 -3.86 -13.25
C PHE E 18 16.15 -5.18 -12.64
N THR E 19 15.06 -5.15 -11.86
CA THR E 19 14.46 -6.41 -11.47
C THR E 19 12.97 -6.19 -11.22
N SER E 20 12.22 -7.28 -11.26
CA SER E 20 10.79 -7.22 -11.01
CA SER E 20 10.79 -7.18 -11.01
C SER E 20 10.51 -7.02 -9.53
N ILE E 21 9.40 -6.36 -9.24
CA ILE E 21 8.80 -6.32 -7.92
C ILE E 21 7.63 -7.31 -7.99
N PRO E 22 7.77 -8.53 -7.48
CA PRO E 22 6.74 -9.56 -7.74
C PRO E 22 5.39 -9.10 -7.22
N ASN E 23 4.41 -9.08 -8.12
CA ASN E 23 3.03 -8.71 -7.83
C ASN E 23 2.85 -7.21 -7.62
N GLY E 24 3.87 -6.42 -7.89
CA GLY E 24 3.72 -5.00 -7.80
C GLY E 24 3.70 -4.51 -6.36
N LEU E 25 3.31 -3.25 -6.22
CA LEU E 25 3.25 -2.62 -4.91
C LEU E 25 1.83 -2.70 -4.37
N TYR E 26 1.75 -2.58 -3.05
CA TYR E 26 0.52 -2.49 -2.29
C TYR E 26 0.90 -2.04 -0.89
N PRO E 27 -0.04 -1.54 -0.10
CA PRO E 27 0.35 -0.97 1.19
C PRO E 27 0.95 -2.05 2.08
N SER E 28 2.14 -1.74 2.63
CA SER E 28 2.92 -2.58 3.52
C SER E 28 4.07 -3.26 2.77
N LYS E 29 4.05 -3.18 1.43
CA LYS E 29 5.14 -3.72 0.62
C LYS E 29 6.40 -2.85 0.78
N SER E 30 7.54 -3.51 0.94
CA SER E 30 8.83 -2.87 1.13
C SER E 30 9.84 -3.31 0.07
N ILE E 31 10.82 -2.43 -0.17
CA ILE E 31 11.92 -2.65 -1.08
C ILE E 31 13.17 -2.18 -0.36
N VAL E 32 14.28 -2.90 -0.54
CA VAL E 32 15.55 -2.52 0.05
C VAL E 32 16.63 -2.51 -1.02
N ILE E 33 17.38 -1.41 -1.10
CA ILE E 33 18.48 -1.26 -2.05
C ILE E 33 19.71 -0.83 -1.27
N SER E 34 20.78 -1.60 -1.37
CA SER E 34 22.02 -1.33 -0.63
C SER E 34 23.20 -1.27 -1.59
N GLY E 35 24.16 -0.41 -1.27
CA GLY E 35 25.35 -0.32 -2.10
C GLY E 35 26.34 0.62 -1.48
N VAL E 36 27.24 1.14 -2.32
CA VAL E 36 28.26 2.09 -1.92
C VAL E 36 28.30 3.19 -2.97
N VAL E 37 28.27 4.46 -2.52
CA VAL E 37 28.41 5.56 -3.47
C VAL E 37 29.86 5.64 -3.94
N LEU E 38 30.06 5.81 -5.25
CA LEU E 38 31.42 5.93 -5.77
C LEU E 38 32.10 7.17 -5.21
N SER E 39 33.43 7.13 -5.17
CA SER E 39 34.18 8.17 -4.44
C SER E 39 34.05 9.55 -5.07
N ASP E 40 33.75 9.61 -6.38
CA ASP E 40 33.55 10.88 -7.07
C ASP E 40 32.17 10.93 -7.73
N ALA E 41 31.19 10.29 -7.11
CA ALA E 41 29.87 10.18 -7.71
C ALA E 41 29.25 11.54 -7.99
N LYS E 42 28.56 11.65 -9.12
CA LYS E 42 27.74 12.82 -9.40
C LYS E 42 26.31 12.63 -8.88
N ARG E 43 25.67 11.52 -9.23
CA ARG E 43 24.28 11.29 -8.87
C ARG E 43 24.00 9.81 -9.02
N PHE E 44 22.91 9.37 -8.39
CA PHE E 44 22.36 8.07 -8.77
C PHE E 44 20.85 8.12 -8.58
N GLN E 45 20.17 7.08 -9.07
CA GLN E 45 18.72 7.13 -9.04
C GLN E 45 18.14 5.75 -8.81
N ILE E 46 17.05 5.71 -8.06
CA ILE E 46 16.25 4.52 -7.86
C ILE E 46 14.86 4.83 -8.42
N ASN E 47 14.41 4.03 -9.38
CA ASN E 47 13.13 4.29 -10.03
C ASN E 47 12.19 3.10 -9.84
N LEU E 48 10.98 3.39 -9.39
CA LEU E 48 9.90 2.41 -9.34
C LEU E 48 9.03 2.69 -10.55
N ARG E 49 9.02 1.76 -11.51
CA ARG E 49 8.44 1.98 -12.82
C ARG E 49 7.14 1.22 -12.98
N CYS E 50 6.21 1.81 -13.74
CA CYS E 50 4.97 1.16 -14.15
C CYS E 50 4.75 1.48 -15.62
N GLY E 51 4.92 0.46 -16.46
CA GLY E 51 4.77 0.67 -17.88
C GLY E 51 5.80 1.65 -18.42
N GLY E 52 5.32 2.73 -19.02
CA GLY E 52 6.16 3.81 -19.51
C GLY E 52 6.33 4.97 -18.55
N ASP E 53 5.81 4.87 -17.34
CA ASP E 53 5.89 5.94 -16.37
C ASP E 53 6.84 5.56 -15.24
N ILE E 54 7.31 6.58 -14.51
CA ILE E 54 8.12 6.38 -13.31
C ILE E 54 7.28 6.86 -12.14
N ALA E 55 6.71 5.93 -11.38
CA ALA E 55 5.89 6.32 -10.25
C ALA E 55 6.70 7.08 -9.19
N PHE E 56 7.91 6.61 -8.95
CA PHE E 56 8.75 7.20 -7.91
C PHE E 56 10.19 7.20 -8.35
N HIS E 57 10.79 8.39 -8.37
CA HIS E 57 12.18 8.63 -8.76
C HIS E 57 12.88 9.22 -7.53
N LEU E 58 13.81 8.46 -6.96
CA LEU E 58 14.57 8.85 -5.78
C LEU E 58 16.01 9.08 -6.24
N ASN E 59 16.50 10.32 -6.13
CA ASN E 59 17.63 10.77 -6.95
C ASN E 59 18.60 11.60 -6.11
N PRO E 60 19.50 10.94 -5.38
CA PRO E 60 20.54 11.69 -4.65
C PRO E 60 21.50 12.35 -5.62
N ARG E 61 21.79 13.62 -5.39
CA ARG E 61 22.63 14.43 -6.27
C ARG E 61 23.76 14.99 -5.42
N PHE E 62 24.98 14.49 -5.66
CA PHE E 62 26.11 14.90 -4.83
C PHE E 62 26.65 16.24 -5.28
N ASP E 63 26.49 16.58 -6.57
CA ASP E 63 26.85 17.91 -7.04
C ASP E 63 25.94 18.98 -6.44
N GLU E 64 24.67 18.66 -6.22
CA GLU E 64 23.73 19.60 -5.63
C GLU E 64 23.60 19.45 -4.13
N ASN E 65 24.12 18.38 -3.54
CA ASN E 65 23.89 18.09 -2.13
C ASN E 65 22.39 18.01 -1.83
N ALA E 66 21.68 17.17 -2.59
CA ALA E 66 20.22 17.12 -2.52
C ALA E 66 19.74 15.69 -2.74
N VAL E 67 18.53 15.41 -2.29
CA VAL E 67 17.86 14.15 -2.62
C VAL E 67 16.54 14.51 -3.28
N VAL E 68 16.49 14.37 -4.60
CA VAL E 68 15.34 14.75 -5.40
C VAL E 68 14.36 13.58 -5.44
N ARG E 69 13.08 13.88 -5.25
CA ARG E 69 12.02 12.92 -5.51
C ARG E 69 11.10 13.47 -6.59
N ASN E 70 10.66 12.60 -7.50
CA ASN E 70 9.80 13.07 -8.57
C ASN E 70 9.07 11.87 -9.17
N THR E 71 8.20 12.16 -10.12
CA THR E 71 7.40 11.19 -10.84
C THR E 71 7.44 11.59 -12.31
N GLN E 72 7.51 10.60 -13.18
CA GLN E 72 7.51 10.86 -14.61
C GLN E 72 6.28 10.19 -15.22
N ILE E 73 5.46 10.99 -15.91
CA ILE E 73 4.27 10.51 -16.61
C ILE E 73 4.36 10.97 -18.05
N ASN E 74 4.23 10.05 -18.99
CA ASN E 74 4.26 10.38 -20.41
C ASN E 74 5.56 11.08 -20.80
N ASN E 75 6.66 10.62 -20.21
CA ASN E 75 7.99 11.17 -20.43
C ASN E 75 8.10 12.64 -20.01
N SER E 76 7.24 13.10 -19.09
CA SER E 76 7.34 14.44 -18.53
CA SER E 76 7.36 14.43 -18.53
C SER E 76 7.51 14.35 -17.02
N TRP E 77 8.51 15.04 -16.50
CA TRP E 77 8.77 15.10 -15.06
C TRP E 77 7.81 16.06 -14.38
N GLY E 78 7.48 15.77 -13.12
CA GLY E 78 6.65 16.64 -12.33
C GLY E 78 7.45 17.64 -11.53
N PRO E 79 6.82 18.30 -10.56
CA PRO E 79 7.58 19.17 -9.66
C PRO E 79 8.40 18.33 -8.69
N GLU E 80 9.64 18.76 -8.47
CA GLU E 80 10.56 18.04 -7.59
C GLU E 80 10.21 18.28 -6.12
N GLU E 81 10.46 17.27 -5.30
CA GLU E 81 10.40 17.41 -3.85
C GLU E 81 11.79 17.16 -3.31
N ARG E 82 12.28 18.10 -2.48
CA ARG E 82 13.66 18.10 -2.04
C ARG E 82 13.85 18.20 -0.54
N SER E 83 12.76 18.31 0.24
CA SER E 83 12.90 18.56 1.67
C SER E 83 13.67 17.43 2.35
N LEU E 84 14.48 17.80 3.33
CA LEU E 84 15.20 16.81 4.14
C LEU E 84 15.13 17.22 5.60
N PRO E 85 15.01 16.26 6.52
CA PRO E 85 14.96 16.62 7.95
C PRO E 85 16.29 17.10 8.49
N GLY E 86 17.40 16.69 7.88
CA GLY E 86 18.73 17.04 8.39
C GLY E 86 19.72 17.17 7.27
N SER E 87 20.92 16.63 7.48
CA SER E 87 21.96 16.75 6.49
C SER E 87 21.75 15.74 5.37
N MET E 88 22.40 15.99 4.24
CA MET E 88 22.43 15.07 3.12
C MET E 88 22.72 13.66 3.60
N PRO E 89 21.81 12.71 3.41
CA PRO E 89 21.98 11.37 4.02
C PRO E 89 22.79 10.39 3.18
N PHE E 90 23.32 10.80 2.03
CA PHE E 90 24.26 10.02 1.24
C PHE E 90 25.57 10.77 1.12
N SER E 91 26.67 10.03 1.03
CA SER E 91 27.99 10.63 0.91
C SER E 91 28.83 9.86 -0.09
N ARG E 92 29.64 10.59 -0.85
CA ARG E 92 30.56 9.95 -1.79
C ARG E 92 31.45 8.96 -1.04
N GLY E 93 31.68 7.80 -1.67
CA GLY E 93 32.53 6.78 -1.10
C GLY E 93 31.96 5.99 0.05
N GLN E 94 30.71 6.24 0.45
CA GLN E 94 30.13 5.69 1.66
C GLN E 94 29.03 4.68 1.32
N ARG E 95 29.00 3.59 2.08
CA ARG E 95 27.90 2.64 1.95
C ARG E 95 26.57 3.32 2.23
N PHE E 96 25.51 2.76 1.65
CA PHE E 96 24.17 3.24 1.93
C PHE E 96 23.21 2.05 1.90
N SER E 97 22.05 2.24 2.51
CA SER E 97 20.97 1.27 2.39
C SER E 97 19.67 2.04 2.42
N VAL E 98 18.84 1.85 1.39
CA VAL E 98 17.58 2.56 1.24
C VAL E 98 16.45 1.57 1.46
N TRP E 99 15.51 1.93 2.33
CA TRP E 99 14.29 1.17 2.56
C TRP E 99 13.12 2.01 2.07
N ILE E 100 12.41 1.51 1.08
CA ILE E 100 11.21 2.17 0.57
C ILE E 100 10.00 1.35 1.00
N LEU E 101 9.09 1.99 1.73
CA LEU E 101 7.87 1.37 2.20
C LEU E 101 6.71 1.98 1.44
N CYS E 102 5.88 1.14 0.83
CA CYS E 102 4.66 1.62 0.20
C CYS E 102 3.53 1.61 1.22
N GLU E 103 2.87 2.75 1.39
CA GLU E 103 1.65 2.87 2.18
C GLU E 103 0.47 3.17 1.26
N GLY E 104 -0.70 3.37 1.87
CA GLY E 104 -1.88 3.67 1.06
C GLY E 104 -1.77 4.99 0.33
N HIS E 105 -1.19 6.01 0.98
CA HIS E 105 -1.21 7.35 0.43
C HIS E 105 0.15 7.88 0.04
N CYS E 106 1.23 7.21 0.44
CA CYS E 106 2.58 7.73 0.18
C CYS E 106 3.57 6.58 0.16
N PHE E 107 4.77 6.89 -0.33
CA PHE E 107 5.96 6.12 0.03
C PHE E 107 6.63 6.76 1.24
N LYS E 108 7.20 5.91 2.08
CA LYS E 108 8.09 6.35 3.14
C LYS E 108 9.49 5.82 2.86
N VAL E 109 10.50 6.67 3.01
CA VAL E 109 11.86 6.34 2.65
C VAL E 109 12.76 6.51 3.86
N ALA E 110 13.53 5.46 4.17
CA ALA E 110 14.60 5.55 5.16
C ALA E 110 15.95 5.26 4.51
N VAL E 111 16.99 5.90 5.02
CA VAL E 111 18.36 5.69 4.57
C VAL E 111 19.19 5.31 5.78
N ASP E 112 19.90 4.19 5.69
CA ASP E 112 20.74 3.72 6.79
C ASP E 112 19.91 3.59 8.07
N GLY E 113 18.63 3.22 7.91
CA GLY E 113 17.71 3.06 9.01
C GLY E 113 16.96 4.32 9.42
N GLN E 114 17.36 5.49 8.95
CA GLN E 114 16.80 6.75 9.43
C GLN E 114 15.78 7.29 8.43
N HIS E 115 14.60 7.66 8.92
CA HIS E 115 13.57 8.20 8.04
C HIS E 115 14.06 9.49 7.38
N ILE E 116 13.83 9.62 6.07
CA ILE E 116 14.28 10.84 5.39
C ILE E 116 13.14 11.56 4.69
N CYS E 117 12.11 10.85 4.23
CA CYS E 117 11.03 11.58 3.59
C CYS E 117 9.81 10.69 3.41
N GLU E 118 8.66 11.34 3.22
CA GLU E 118 7.50 10.67 2.65
C GLU E 118 7.14 11.38 1.37
N TYR E 119 6.55 10.63 0.45
CA TYR E 119 6.28 11.12 -0.90
C TYR E 119 4.88 10.66 -1.27
N SER E 120 3.94 11.60 -1.38
CA SER E 120 2.58 11.22 -1.69
C SER E 120 2.51 10.60 -3.07
N HIS E 121 1.75 9.51 -3.19
CA HIS E 121 1.55 8.89 -4.49
C HIS E 121 0.98 9.91 -5.47
N ARG E 122 1.54 9.94 -6.67
CA ARG E 122 0.98 10.65 -7.80
C ARG E 122 0.35 9.71 -8.81
N LEU E 123 0.89 8.51 -8.96
CA LEU E 123 0.26 7.43 -9.72
C LEU E 123 -0.26 6.41 -8.72
N MET E 124 -1.57 6.13 -8.76
CA MET E 124 -2.22 5.29 -7.77
CA MET E 124 -2.15 5.26 -7.74
C MET E 124 -2.40 3.84 -8.22
N ASN E 125 -1.87 3.47 -9.40
CA ASN E 125 -1.97 2.10 -9.87
C ASN E 125 -0.81 1.27 -9.30
N LEU E 126 -0.86 1.07 -7.98
CA LEU E 126 0.27 0.46 -7.28
C LEU E 126 0.61 -0.93 -7.78
N PRO E 127 -0.34 -1.84 -8.05
CA PRO E 127 0.03 -3.19 -8.50
C PRO E 127 0.80 -3.19 -9.81
N ASP E 128 0.59 -2.19 -10.66
CA ASP E 128 1.34 -2.07 -11.90
C ASP E 128 2.76 -1.55 -11.68
N ILE E 129 3.08 -1.05 -10.49
CA ILE E 129 4.44 -0.59 -10.23
C ILE E 129 5.28 -1.82 -9.93
N ASN E 130 5.83 -2.45 -10.98
CA ASN E 130 6.33 -3.81 -10.84
C ASN E 130 7.76 -3.96 -11.33
N THR E 131 8.48 -2.87 -11.56
CA THR E 131 9.87 -2.91 -12.00
C THR E 131 10.69 -1.92 -11.19
N LEU E 132 11.81 -2.39 -10.67
CA LEU E 132 12.78 -1.54 -9.99
C LEU E 132 13.96 -1.30 -10.92
N GLU E 133 14.37 -0.04 -11.02
CA GLU E 133 15.60 0.30 -11.72
C GLU E 133 16.53 1.05 -10.76
N VAL E 134 17.81 0.68 -10.77
CA VAL E 134 18.82 1.42 -10.01
C VAL E 134 19.94 1.78 -10.98
N ALA E 135 20.30 3.06 -11.02
CA ALA E 135 21.28 3.48 -12.01
C ALA E 135 22.12 4.60 -11.44
N GLY E 136 23.30 4.79 -12.04
CA GLY E 136 24.13 5.93 -11.67
C GLY E 136 25.42 5.53 -10.99
N ASP E 137 25.94 6.46 -10.18
CA ASP E 137 27.32 6.41 -9.70
C ASP E 137 27.44 5.68 -8.36
N ILE E 138 27.05 4.40 -8.38
CA ILE E 138 27.14 3.57 -7.18
C ILE E 138 27.69 2.20 -7.55
N GLN E 139 28.13 1.49 -6.53
CA GLN E 139 28.28 0.05 -6.57
C GLN E 139 27.12 -0.56 -5.81
N LEU E 140 26.38 -1.44 -6.45
CA LEU E 140 25.26 -2.12 -5.81
CA LEU E 140 25.27 -2.13 -5.80
C LEU E 140 25.78 -3.35 -5.05
N THR E 141 25.25 -3.56 -3.85
CA THR E 141 25.61 -4.73 -3.06
C THR E 141 24.44 -5.65 -2.74
N HIS E 142 23.22 -5.15 -2.68
CA HIS E 142 22.08 -6.03 -2.45
C HIS E 142 20.81 -5.34 -2.89
N VAL E 143 19.91 -6.12 -3.47
CA VAL E 143 18.56 -5.66 -3.79
C VAL E 143 17.58 -6.70 -3.29
N GLU E 144 16.57 -6.26 -2.54
CA GLU E 144 15.51 -7.14 -2.05
C GLU E 144 14.17 -6.56 -2.46
N THR E 145 13.42 -7.28 -3.30
CA THR E 145 12.09 -6.83 -3.68
C THR E 145 11.02 -7.88 -3.38
N SER F 2 48.28 -22.72 7.68
CA SER F 2 48.12 -21.29 7.93
C SER F 2 49.15 -20.82 8.94
N SER F 3 50.22 -21.60 9.10
CA SER F 3 51.35 -21.27 9.95
C SER F 3 52.60 -21.30 9.08
N PHE F 4 53.29 -20.15 8.99
CA PHE F 4 54.52 -20.01 8.22
C PHE F 4 55.63 -19.61 9.17
N SER F 5 56.73 -20.37 9.17
CA SER F 5 57.78 -20.20 10.16
C SER F 5 59.16 -20.26 9.50
N THR F 6 60.14 -19.67 10.18
CA THR F 6 61.53 -19.79 9.76
C THR F 6 62.16 -21.10 10.20
N GLN F 7 61.63 -21.74 11.25
CA GLN F 7 62.17 -23.01 11.71
C GLN F 7 61.62 -24.17 10.89
N THR F 8 61.77 -24.07 9.57
CA THR F 8 61.42 -25.13 8.63
C THR F 8 62.51 -25.19 7.57
N PRO F 9 62.81 -26.38 7.06
CA PRO F 9 63.99 -26.51 6.18
C PRO F 9 63.89 -25.69 4.90
N TYR F 10 62.69 -25.41 4.40
CA TYR F 10 62.49 -24.64 3.19
C TYR F 10 61.56 -23.47 3.49
N PRO F 11 62.08 -22.40 4.09
CA PRO F 11 61.23 -21.27 4.46
C PRO F 11 60.60 -20.63 3.23
N ASN F 12 59.42 -20.04 3.43
CA ASN F 12 58.68 -19.41 2.35
C ASN F 12 58.05 -18.12 2.86
N LEU F 13 58.90 -17.19 3.29
CA LEU F 13 58.46 -15.94 3.91
C LEU F 13 58.92 -14.71 3.16
N ALA F 14 59.23 -14.85 1.87
CA ALA F 14 59.57 -13.68 1.07
C ALA F 14 58.38 -12.73 0.98
N VAL F 15 58.68 -11.45 0.80
CA VAL F 15 57.64 -10.45 0.57
C VAL F 15 57.77 -9.95 -0.87
N PRO F 16 56.63 -9.59 -1.49
CA PRO F 16 55.29 -9.64 -0.89
C PRO F 16 54.85 -11.05 -0.58
N PHE F 17 54.19 -11.20 0.56
CA PHE F 17 53.76 -12.48 1.08
C PHE F 17 52.23 -12.54 1.07
N PHE F 18 51.68 -13.64 0.60
CA PHE F 18 50.23 -13.84 0.58
C PHE F 18 49.91 -15.18 1.21
N THR F 19 48.84 -15.22 2.01
CA THR F 19 48.34 -16.52 2.45
C THR F 19 46.86 -16.39 2.77
N SER F 20 46.18 -17.53 2.81
CA SER F 20 44.76 -17.51 3.09
C SER F 20 44.51 -17.38 4.59
N ILE F 21 43.35 -16.83 4.91
CA ILE F 21 42.76 -16.86 6.24
C ILE F 21 41.64 -17.89 6.16
N PRO F 22 41.85 -19.12 6.64
CA PRO F 22 40.84 -20.17 6.46
C PRO F 22 39.49 -19.78 7.04
N ASN F 23 38.44 -19.95 6.24
CA ASN F 23 37.06 -19.64 6.61
C ASN F 23 36.82 -18.15 6.69
N GLY F 24 37.80 -17.31 6.38
CA GLY F 24 37.61 -15.89 6.48
C GLY F 24 37.64 -15.43 7.93
N LEU F 25 37.17 -14.20 8.13
CA LEU F 25 37.19 -13.61 9.45
C LEU F 25 35.78 -13.58 10.03
N TYR F 26 35.74 -13.59 11.36
CA TYR F 26 34.50 -13.36 12.09
C TYR F 26 34.88 -12.95 13.49
N PRO F 27 33.96 -12.38 14.25
CA PRO F 27 34.34 -11.84 15.56
C PRO F 27 34.94 -12.91 16.43
N SER F 28 36.10 -12.60 17.02
CA SER F 28 36.90 -13.43 17.91
C SER F 28 38.08 -14.07 17.18
N LYS F 29 38.12 -13.97 15.85
CA LYS F 29 39.22 -14.53 15.08
C LYS F 29 40.39 -13.55 15.02
N SER F 30 41.62 -14.10 15.07
CA SER F 30 42.83 -13.29 15.17
C SER F 30 43.84 -13.74 14.13
N ILE F 31 44.77 -12.85 13.82
CA ILE F 31 45.92 -13.09 12.94
CA ILE F 31 45.94 -13.20 13.03
C ILE F 31 47.16 -12.50 13.61
N VAL F 32 48.31 -13.15 13.41
CA VAL F 32 49.58 -12.67 13.94
C VAL F 32 50.59 -12.60 12.80
N ILE F 33 51.31 -11.47 12.72
CA ILE F 33 52.31 -11.21 11.71
C ILE F 33 53.56 -10.72 12.43
N SER F 34 54.66 -11.46 12.33
CA SER F 34 55.92 -11.12 13.00
C SER F 34 57.03 -10.96 11.98
N GLY F 35 57.93 -10.02 12.25
CA GLY F 35 59.07 -9.85 11.39
C GLY F 35 60.03 -8.84 11.98
N VAL F 36 60.86 -8.29 11.12
CA VAL F 36 61.83 -7.26 11.48
C VAL F 36 61.77 -6.18 10.42
N VAL F 37 61.65 -4.93 10.85
CA VAL F 37 61.70 -3.82 9.91
C VAL F 37 63.11 -3.67 9.35
N LEU F 38 63.20 -3.43 8.05
CA LEU F 38 64.50 -3.26 7.44
C LEU F 38 65.16 -2.01 8.02
N SER F 39 66.50 -2.04 8.07
CA SER F 39 67.22 -0.98 8.76
CA SER F 39 67.23 -0.97 8.76
C SER F 39 66.97 0.40 8.16
N ASP F 40 66.65 0.47 6.87
CA ASP F 40 66.36 1.74 6.20
C ASP F 40 64.97 1.76 5.58
N ALA F 41 64.01 1.07 6.19
CA ALA F 41 62.69 0.92 5.61
C ALA F 41 62.01 2.27 5.40
N LYS F 42 61.25 2.37 4.32
CA LYS F 42 60.37 3.52 4.11
C LYS F 42 58.96 3.26 4.62
N ARG F 43 58.37 2.14 4.22
CA ARG F 43 57.01 1.79 4.64
C ARG F 43 56.87 0.28 4.54
N PHE F 44 55.85 -0.25 5.20
CA PHE F 44 55.39 -1.58 4.85
C PHE F 44 53.89 -1.65 5.10
N GLN F 45 53.27 -2.73 4.62
CA GLN F 45 51.82 -2.76 4.74
C GLN F 45 51.34 -4.18 4.98
N ILE F 46 50.33 -4.27 5.81
CA ILE F 46 49.58 -5.49 6.05
C ILE F 46 48.17 -5.24 5.55
N ASN F 47 47.73 -6.05 4.58
CA ASN F 47 46.42 -5.88 3.96
C ASN F 47 45.57 -7.12 4.20
N LEU F 48 44.36 -6.91 4.70
CA LEU F 48 43.34 -7.96 4.76
C LEU F 48 42.41 -7.74 3.57
N ARG F 49 42.40 -8.69 2.63
CA ARG F 49 41.76 -8.51 1.34
C ARG F 49 40.52 -9.37 1.21
N CYS F 50 39.52 -8.83 0.50
CA CYS F 50 38.30 -9.57 0.14
C CYS F 50 38.04 -9.28 -1.34
N GLY F 51 38.39 -10.23 -2.19
CA GLY F 51 38.18 -10.05 -3.62
C GLY F 51 39.06 -8.93 -4.16
N GLY F 52 38.43 -7.93 -4.76
CA GLY F 52 39.15 -6.77 -5.25
C GLY F 52 39.24 -5.63 -4.28
N ASP F 53 38.69 -5.77 -3.07
CA ASP F 53 38.75 -4.73 -2.04
C ASP F 53 39.82 -5.04 -1.00
N ILE F 54 40.24 -4.01 -0.28
CA ILE F 54 41.11 -4.18 0.88
C ILE F 54 40.30 -3.74 2.09
N ALA F 55 39.82 -4.71 2.86
CA ALA F 55 39.00 -4.39 4.02
C ALA F 55 39.79 -3.60 5.06
N PHE F 56 41.06 -3.95 5.26
CA PHE F 56 41.88 -3.31 6.29
C PHE F 56 43.31 -3.21 5.78
N HIS F 57 43.83 -1.99 5.76
CA HIS F 57 45.16 -1.64 5.28
C HIS F 57 45.90 -1.03 6.46
N LEU F 58 46.89 -1.74 6.98
CA LEU F 58 47.68 -1.29 8.12
C LEU F 58 49.08 -0.97 7.61
N ASN F 59 49.49 0.29 7.73
CA ASN F 59 50.55 0.85 6.88
C ASN F 59 51.51 1.72 7.70
N PRO F 60 52.48 1.10 8.39
CA PRO F 60 53.51 1.89 9.06
C PRO F 60 54.40 2.60 8.06
N ARG F 61 54.63 3.90 8.30
CA ARG F 61 55.40 4.75 7.40
C ARG F 61 56.51 5.42 8.19
N PHE F 62 57.75 4.99 7.94
CA PHE F 62 58.88 5.49 8.69
C PHE F 62 59.36 6.84 8.18
N ASP F 63 59.04 7.17 6.93
CA ASP F 63 59.32 8.52 6.45
C ASP F 63 58.40 9.54 7.11
N GLU F 64 57.13 9.17 7.31
CA GLU F 64 56.16 10.07 7.94
C GLU F 64 56.06 9.89 9.44
N ASN F 65 56.69 8.85 10.00
CA ASN F 65 56.57 8.54 11.42
C ASN F 65 55.10 8.35 11.81
N ALA F 66 54.40 7.49 11.08
CA ALA F 66 52.97 7.33 11.28
C ALA F 66 52.58 5.88 11.06
N VAL F 67 51.39 5.54 11.54
CA VAL F 67 50.76 4.25 11.22
C VAL F 67 49.40 4.57 10.60
N VAL F 68 49.31 4.43 9.29
CA VAL F 68 48.10 4.73 8.55
C VAL F 68 47.21 3.50 8.54
N ARG F 69 45.91 3.69 8.73
CA ARG F 69 44.90 2.66 8.54
C ARG F 69 43.88 3.14 7.53
N ASN F 70 43.41 2.25 6.66
CA ASN F 70 42.46 2.65 5.63
C ASN F 70 41.79 1.41 5.04
N THR F 71 40.86 1.66 4.13
CA THR F 71 40.11 0.63 3.42
C THR F 71 40.08 1.02 1.95
N GLN F 72 40.20 0.03 1.08
CA GLN F 72 40.09 0.27 -0.35
C GLN F 72 38.88 -0.47 -0.89
N ILE F 73 37.93 0.27 -1.48
CA ILE F 73 36.73 -0.29 -2.08
C ILE F 73 36.66 0.16 -3.53
N ASN F 74 36.43 -0.79 -4.43
CA ASN F 74 36.26 -0.41 -5.84
C ASN F 74 37.46 0.40 -6.32
N ASN F 75 38.64 0.02 -5.83
CA ASN F 75 39.91 0.68 -6.15
C ASN F 75 39.98 2.14 -5.69
N SER F 76 39.17 2.54 -4.71
CA SER F 76 39.27 3.87 -4.12
C SER F 76 39.61 3.75 -2.63
N TRP F 77 40.57 4.56 -2.18
CA TRP F 77 40.91 4.63 -0.77
C TRP F 77 39.93 5.52 -0.03
N GLY F 78 39.55 5.10 1.18
CA GLY F 78 38.70 5.91 2.02
C GLY F 78 39.48 6.93 2.83
N PRO F 79 38.85 7.49 3.86
CA PRO F 79 39.56 8.43 4.73
C PRO F 79 40.55 7.70 5.62
N GLU F 80 41.74 8.29 5.77
CA GLU F 80 42.79 7.67 6.57
C GLU F 80 42.53 7.83 8.06
N GLU F 81 42.99 6.85 8.83
CA GLU F 81 43.01 6.95 10.28
C GLU F 81 44.45 6.83 10.76
N ARG F 82 44.89 7.80 11.58
CA ARG F 82 46.28 7.87 12.01
C ARG F 82 46.50 8.00 13.50
N SER F 83 45.44 8.15 14.30
CA SER F 83 45.62 8.39 15.71
C SER F 83 46.45 7.30 16.37
N LEU F 84 47.33 7.71 17.29
CA LEU F 84 48.11 6.76 18.06
C LEU F 84 48.03 7.12 19.54
N PRO F 85 47.96 6.13 20.43
CA PRO F 85 47.94 6.45 21.86
C PRO F 85 49.27 6.96 22.37
N GLY F 86 50.39 6.52 21.80
CA GLY F 86 51.70 6.93 22.29
C GLY F 86 52.71 7.18 21.20
N SER F 87 53.93 6.72 21.40
CA SER F 87 54.95 6.89 20.37
C SER F 87 54.74 5.88 19.23
N MET F 88 55.40 6.18 18.12
CA MET F 88 55.41 5.29 16.96
C MET F 88 55.79 3.88 17.37
N PRO F 89 54.96 2.88 17.12
CA PRO F 89 55.18 1.55 17.68
C PRO F 89 56.05 0.62 16.84
N PHE F 90 56.48 1.05 15.67
CA PHE F 90 57.44 0.33 14.84
C PHE F 90 58.69 1.17 14.69
N SER F 91 59.82 0.49 14.47
CA SER F 91 61.09 1.20 14.35
C SER F 91 62.02 0.47 13.38
N ARG F 92 62.75 1.24 12.59
CA ARG F 92 63.70 0.67 11.65
C ARG F 92 64.67 -0.27 12.36
N GLY F 93 64.91 -1.42 11.74
CA GLY F 93 65.81 -2.44 12.24
C GLY F 93 65.30 -3.26 13.41
N GLN F 94 64.10 -3.01 13.89
CA GLN F 94 63.60 -3.60 15.13
C GLN F 94 62.56 -4.69 14.85
N ARG F 95 62.60 -5.76 15.63
CA ARG F 95 61.57 -6.78 15.47
C ARG F 95 60.21 -6.23 15.87
N PHE F 96 59.16 -6.85 15.31
CA PHE F 96 57.80 -6.47 15.64
C PHE F 96 56.93 -7.70 15.56
N SER F 97 55.83 -7.66 16.29
CA SER F 97 54.78 -8.67 16.11
C SER F 97 53.45 -7.96 16.16
N VAL F 98 52.67 -8.11 15.09
CA VAL F 98 51.37 -7.46 14.99
C VAL F 98 50.28 -8.50 15.24
N TRP F 99 49.38 -8.19 16.16
CA TRP F 99 48.21 -9.01 16.46
C TRP F 99 46.98 -8.23 16.02
N ILE F 100 46.21 -8.79 15.08
CA ILE F 100 44.96 -8.18 14.63
C ILE F 100 43.81 -9.06 15.11
N LEU F 101 42.92 -8.49 15.90
CA LEU F 101 41.76 -9.19 16.42
C LEU F 101 40.50 -8.65 15.75
N CYS F 102 39.71 -9.54 15.18
CA CYS F 102 38.46 -9.16 14.57
C CYS F 102 37.36 -9.18 15.61
N GLU F 103 36.72 -8.04 15.83
CA GLU F 103 35.55 -7.95 16.70
C GLU F 103 34.31 -7.69 15.85
N GLY F 104 33.16 -7.59 16.51
CA GLY F 104 31.93 -7.34 15.77
C GLY F 104 31.94 -6.00 15.06
N HIS F 105 32.49 -4.96 15.70
CA HIS F 105 32.39 -3.63 15.14
C HIS F 105 33.72 -3.07 14.65
N CYS F 106 34.84 -3.71 14.97
CA CYS F 106 36.14 -3.17 14.60
C CYS F 106 37.19 -4.26 14.53
N PHE F 107 38.35 -3.89 13.98
CA PHE F 107 39.61 -4.58 14.23
C PHE F 107 40.33 -3.91 15.39
N LYS F 108 40.91 -4.72 16.26
CA LYS F 108 41.82 -4.23 17.29
C LYS F 108 43.23 -4.67 16.94
N VAL F 109 44.18 -3.76 17.07
CA VAL F 109 45.56 -4.02 16.64
C VAL F 109 46.49 -3.79 17.81
N ALA F 110 47.37 -4.74 18.06
CA ALA F 110 48.43 -4.62 19.04
C ALA F 110 49.77 -4.86 18.37
N VAL F 111 50.81 -4.23 18.91
CA VAL F 111 52.19 -4.53 18.54
C VAL F 111 52.89 -5.02 19.79
N ASP F 112 53.46 -6.22 19.74
CA ASP F 112 54.10 -6.83 20.92
C ASP F 112 53.14 -6.91 22.10
N GLY F 113 51.87 -7.18 21.82
CA GLY F 113 50.87 -7.25 22.85
C GLY F 113 50.36 -5.92 23.37
N GLN F 114 50.90 -4.79 22.89
CA GLN F 114 50.49 -3.46 23.32
C GLN F 114 49.47 -2.92 22.33
N HIS F 115 48.29 -2.56 22.82
CA HIS F 115 47.25 -2.01 21.95
C HIS F 115 47.73 -0.74 21.26
N ILE F 116 47.52 -0.64 19.95
CA ILE F 116 47.92 0.57 19.23
C ILE F 116 46.72 1.26 18.58
N CYS F 117 45.68 0.51 18.21
CA CYS F 117 44.49 1.18 17.67
C CYS F 117 43.33 0.20 17.55
N GLU F 118 42.14 0.76 17.39
CA GLU F 118 41.03 0.03 16.82
C GLU F 118 40.55 0.75 15.58
N TYR F 119 39.94 -0.01 14.68
CA TYR F 119 39.56 0.47 13.36
C TYR F 119 38.18 -0.10 13.05
N SER F 120 37.17 0.76 12.98
CA SER F 120 35.81 0.30 12.75
C SER F 120 35.68 -0.35 11.39
N HIS F 121 34.97 -1.47 11.33
CA HIS F 121 34.74 -2.14 10.06
C HIS F 121 34.06 -1.19 9.09
N ARG F 122 34.58 -1.14 7.87
CA ARG F 122 33.89 -0.46 6.78
C ARG F 122 33.25 -1.45 5.81
N LEU F 123 33.85 -2.62 5.64
CA LEU F 123 33.25 -3.72 4.92
C LEU F 123 32.78 -4.75 5.95
N MET F 124 31.49 -5.12 5.87
CA MET F 124 30.92 -6.00 6.88
C MET F 124 30.96 -7.46 6.50
N ASN F 125 31.36 -7.79 5.27
CA ASN F 125 31.38 -9.18 4.82
C ASN F 125 32.65 -9.87 5.34
N LEU F 126 32.74 -9.93 6.66
CA LEU F 126 33.95 -10.46 7.29
C LEU F 126 34.33 -11.83 6.76
N PRO F 127 33.41 -12.77 6.54
CA PRO F 127 33.82 -14.10 6.05
C PRO F 127 34.48 -14.06 4.70
N ASP F 128 34.25 -13.03 3.89
CA ASP F 128 34.93 -12.91 2.61
C ASP F 128 36.34 -12.36 2.73
N ILE F 129 36.72 -11.83 3.90
CA ILE F 129 38.07 -11.33 4.12
C ILE F 129 38.97 -12.53 4.35
N ASN F 130 39.51 -13.11 3.27
CA ASN F 130 40.09 -14.44 3.35
C ASN F 130 41.52 -14.47 2.84
N THR F 131 42.13 -13.31 2.61
CA THR F 131 43.49 -13.24 2.10
C THR F 131 44.27 -12.21 2.90
N LEU F 132 45.44 -12.62 3.39
CA LEU F 132 46.40 -11.76 4.04
C LEU F 132 47.54 -11.45 3.08
N GLU F 133 47.90 -10.18 2.97
CA GLU F 133 49.06 -9.77 2.21
C GLU F 133 49.97 -8.97 3.11
N VAL F 134 51.27 -9.24 3.03
CA VAL F 134 52.27 -8.47 3.77
C VAL F 134 53.32 -8.04 2.76
N ALA F 135 53.56 -6.74 2.65
CA ALA F 135 54.41 -6.23 1.58
C ALA F 135 55.26 -5.09 2.11
N GLY F 136 56.36 -4.83 1.42
CA GLY F 136 57.18 -3.67 1.78
C GLY F 136 58.49 -3.97 2.46
N ASP F 137 58.96 -3.01 3.27
CA ASP F 137 60.35 -2.98 3.72
C ASP F 137 60.51 -3.69 5.07
N ILE F 138 60.21 -4.98 5.07
CA ILE F 138 60.39 -5.83 6.24
C ILE F 138 60.96 -7.17 5.82
N GLN F 139 61.49 -7.89 6.80
CA GLN F 139 61.76 -9.31 6.71
C GLN F 139 60.75 -10.03 7.58
N LEU F 140 60.03 -10.99 7.01
CA LEU F 140 59.01 -11.71 7.75
C LEU F 140 59.64 -12.85 8.54
N THR F 141 59.17 -13.05 9.78
CA THR F 141 59.65 -14.17 10.58
C THR F 141 58.58 -15.20 10.90
N HIS F 142 57.30 -14.81 10.94
CA HIS F 142 56.28 -15.80 11.22
C HIS F 142 54.91 -15.22 10.89
N VAL F 143 54.03 -16.07 10.36
CA VAL F 143 52.65 -15.68 10.09
C VAL F 143 51.73 -16.76 10.61
N GLU F 144 50.71 -16.37 11.38
CA GLU F 144 49.66 -17.27 11.86
C GLU F 144 48.31 -16.71 11.42
N THR F 145 47.58 -17.49 10.63
CA THR F 145 46.19 -17.12 10.30
C THR F 145 45.24 -18.26 10.62
#